data_1REA
# 
_entry.id   1REA 
# 
_audit_conform.dict_name       mmcif_pdbx.dic 
_audit_conform.dict_version    5.386 
_audit_conform.dict_location   http://mmcif.pdb.org/dictionaries/ascii/mmcif_pdbx.dic 
# 
loop_
_database_2.database_id 
_database_2.database_code 
_database_2.pdbx_database_accession 
_database_2.pdbx_DOI 
PDB   1REA         pdb_00001rea 10.2210/pdb1rea/pdb 
WWPDB D_1000176048 ?            ?                   
# 
loop_
_pdbx_audit_revision_history.ordinal 
_pdbx_audit_revision_history.data_content_type 
_pdbx_audit_revision_history.major_revision 
_pdbx_audit_revision_history.minor_revision 
_pdbx_audit_revision_history.revision_date 
1 'Structure model' 1 0 1993-10-31 
2 'Structure model' 1 1 2008-03-24 
3 'Structure model' 1 2 2011-07-13 
4 'Structure model' 1 3 2012-05-09 
5 'Structure model' 1 4 2024-02-14 
# 
_pdbx_audit_revision_details.ordinal             1 
_pdbx_audit_revision_details.revision_ordinal    1 
_pdbx_audit_revision_details.data_content_type   'Structure model' 
_pdbx_audit_revision_details.provider            repository 
_pdbx_audit_revision_details.type                'Initial release' 
_pdbx_audit_revision_details.description         ? 
_pdbx_audit_revision_details.details             ? 
# 
loop_
_pdbx_audit_revision_group.ordinal 
_pdbx_audit_revision_group.revision_ordinal 
_pdbx_audit_revision_group.data_content_type 
_pdbx_audit_revision_group.group 
1 2 'Structure model' 'Version format compliance' 
2 3 'Structure model' 'Version format compliance' 
3 4 'Structure model' Other                       
4 5 'Structure model' 'Data collection'           
5 5 'Structure model' 'Database references'       
6 5 'Structure model' 'Derived calculations'      
7 5 'Structure model' Other                       
# 
loop_
_pdbx_audit_revision_category.ordinal 
_pdbx_audit_revision_category.revision_ordinal 
_pdbx_audit_revision_category.data_content_type 
_pdbx_audit_revision_category.category 
1 5 'Structure model' chem_comp_atom       
2 5 'Structure model' chem_comp_bond       
3 5 'Structure model' database_2           
4 5 'Structure model' pdbx_database_status 
5 5 'Structure model' struct_site          
# 
loop_
_pdbx_audit_revision_item.ordinal 
_pdbx_audit_revision_item.revision_ordinal 
_pdbx_audit_revision_item.data_content_type 
_pdbx_audit_revision_item.item 
1 5 'Structure model' '_database_2.pdbx_DOI'                
2 5 'Structure model' '_database_2.pdbx_database_accession' 
3 5 'Structure model' '_pdbx_database_status.process_site'  
4 5 'Structure model' '_struct_site.pdbx_auth_asym_id'      
5 5 'Structure model' '_struct_site.pdbx_auth_comp_id'      
6 5 'Structure model' '_struct_site.pdbx_auth_seq_id'       
# 
_pdbx_database_status.status_code                     REL 
_pdbx_database_status.entry_id                        1REA 
_pdbx_database_status.recvd_initial_deposition_date   1991-12-19 
_pdbx_database_status.deposit_site                    ? 
_pdbx_database_status.process_site                    BNL 
_pdbx_database_status.SG_entry                        . 
_pdbx_database_status.status_code_sf                  ? 
_pdbx_database_status.status_code_mr                  ? 
_pdbx_database_status.status_code_cs                  ? 
_pdbx_database_status.methods_development_category    ? 
_pdbx_database_status.pdb_format_compatible           Y 
_pdbx_database_status.status_code_nmr_data            ? 
# 
loop_
_audit_author.name 
_audit_author.pdbx_ordinal 
'Story, R.M.'  1 
'Steitz, T.A.' 2 
# 
loop_
_citation.id 
_citation.title 
_citation.journal_abbrev 
_citation.journal_volume 
_citation.page_first 
_citation.page_last 
_citation.year 
_citation.journal_id_ASTM 
_citation.country 
_citation.journal_id_ISSN 
_citation.journal_id_CSD 
_citation.book_publisher 
_citation.pdbx_database_id_PubMed 
_citation.pdbx_database_id_DOI 
primary 'Structure of the recA protein-ADP complex.'                             Nature 355 374 376 1992 NATUAS UK 0028-0836 0006 
? 1731253 10.1038/355374a0 
1       'The Structure of the E. Coli Reca Protein Monomer and Polymer'          Nature 355 318 ?   1992 NATUAS UK 0028-0836 0006 
? ?       ?                
2       'The Structure of the E. Coli Reca Protein Monomer and Polymer: Erratum' Nature 355 567 ?   1992 NATUAS UK 0028-0836 0006 
? ?       ?                
# 
loop_
_citation_author.citation_id 
_citation_author.name 
_citation_author.ordinal 
_citation_author.identifier_ORCID 
primary 'Story, R.M.'  1 ? 
primary 'Steitz, T.A.' 2 ? 
1       'Story, R.M.'  3 ? 
1       'Weber, I.T.'  4 ? 
1       'Steitz, T.A.' 5 ? 
2       'Story, R.M.'  6 ? 
2       'Weber, I.T.'  7 ? 
2       'Steitz, T.A.' 8 ? 
# 
loop_
_entity.id 
_entity.type 
_entity.src_method 
_entity.pdbx_description 
_entity.formula_weight 
_entity.pdbx_number_of_molecules 
_entity.pdbx_ec 
_entity.pdbx_mutation 
_entity.pdbx_fragment 
_entity.details 
1 polymer     man 'REC A'                    37885.086 1 ? ? ? ? 
2 non-polymer syn "ADENOSINE-5'-DIPHOSPHATE" 427.201   1 ? ? ? ? 
# 
_entity_poly.entity_id                      1 
_entity_poly.type                           'polypeptide(L)' 
_entity_poly.nstd_linkage                   no 
_entity_poly.nstd_monomer                   no 
_entity_poly.pdbx_seq_one_letter_code       
;AIDENKQKALAAALGQIEKQFGKGSIMRLGEDRSMDVETISTGSLSLDIALGAGGLPMGRIVEIYGPESSGKTTLTLQVI
AAAQREGKTCAFIDAEHALDPIYARKLGVDIDNLLCSQPDTGEQALEICDALARSGAVDVIVVDSVAALTPKAEIEGEIG
DSHMGLAARMMSQAMRKLAGNLKQSNTLLIFINQIRMKIGVMFGNPETTTGGNALKFYASVRLDIRRIGAVKEGENVVGS
ETRVKVVKNKIAAPFKQAEFQILYGEGINFYGELVDLGVKEKLIEKAGAWYSYKGEKIGQGKANATAWLKDNPETAKEIE
KKVRELLLSNPNSTPDFSVDDSEGVAETNEDF
;
_entity_poly.pdbx_seq_one_letter_code_can   
;AIDENKQKALAAALGQIEKQFGKGSIMRLGEDRSMDVETISTGSLSLDIALGAGGLPMGRIVEIYGPESSGKTTLTLQVI
AAAQREGKTCAFIDAEHALDPIYARKLGVDIDNLLCSQPDTGEQALEICDALARSGAVDVIVVDSVAALTPKAEIEGEIG
DSHMGLAARMMSQAMRKLAGNLKQSNTLLIFINQIRMKIGVMFGNPETTTGGNALKFYASVRLDIRRIGAVKEGENVVGS
ETRVKVVKNKIAAPFKQAEFQILYGEGINFYGELVDLGVKEKLIEKAGAWYSYKGEKIGQGKANATAWLKDNPETAKEIE
KKVRELLLSNPNSTPDFSVDDSEGVAETNEDF
;
_entity_poly.pdbx_strand_id                 A 
_entity_poly.pdbx_target_identifier         ? 
# 
_pdbx_entity_nonpoly.entity_id   2 
_pdbx_entity_nonpoly.name        "ADENOSINE-5'-DIPHOSPHATE" 
_pdbx_entity_nonpoly.comp_id     ADP 
# 
loop_
_entity_poly_seq.entity_id 
_entity_poly_seq.num 
_entity_poly_seq.mon_id 
_entity_poly_seq.hetero 
1 1   ALA n 
1 2   ILE n 
1 3   ASP n 
1 4   GLU n 
1 5   ASN n 
1 6   LYS n 
1 7   GLN n 
1 8   LYS n 
1 9   ALA n 
1 10  LEU n 
1 11  ALA n 
1 12  ALA n 
1 13  ALA n 
1 14  LEU n 
1 15  GLY n 
1 16  GLN n 
1 17  ILE n 
1 18  GLU n 
1 19  LYS n 
1 20  GLN n 
1 21  PHE n 
1 22  GLY n 
1 23  LYS n 
1 24  GLY n 
1 25  SER n 
1 26  ILE n 
1 27  MET n 
1 28  ARG n 
1 29  LEU n 
1 30  GLY n 
1 31  GLU n 
1 32  ASP n 
1 33  ARG n 
1 34  SER n 
1 35  MET n 
1 36  ASP n 
1 37  VAL n 
1 38  GLU n 
1 39  THR n 
1 40  ILE n 
1 41  SER n 
1 42  THR n 
1 43  GLY n 
1 44  SER n 
1 45  LEU n 
1 46  SER n 
1 47  LEU n 
1 48  ASP n 
1 49  ILE n 
1 50  ALA n 
1 51  LEU n 
1 52  GLY n 
1 53  ALA n 
1 54  GLY n 
1 55  GLY n 
1 56  LEU n 
1 57  PRO n 
1 58  MET n 
1 59  GLY n 
1 60  ARG n 
1 61  ILE n 
1 62  VAL n 
1 63  GLU n 
1 64  ILE n 
1 65  TYR n 
1 66  GLY n 
1 67  PRO n 
1 68  GLU n 
1 69  SER n 
1 70  SER n 
1 71  GLY n 
1 72  LYS n 
1 73  THR n 
1 74  THR n 
1 75  LEU n 
1 76  THR n 
1 77  LEU n 
1 78  GLN n 
1 79  VAL n 
1 80  ILE n 
1 81  ALA n 
1 82  ALA n 
1 83  ALA n 
1 84  GLN n 
1 85  ARG n 
1 86  GLU n 
1 87  GLY n 
1 88  LYS n 
1 89  THR n 
1 90  CYS n 
1 91  ALA n 
1 92  PHE n 
1 93  ILE n 
1 94  ASP n 
1 95  ALA n 
1 96  GLU n 
1 97  HIS n 
1 98  ALA n 
1 99  LEU n 
1 100 ASP n 
1 101 PRO n 
1 102 ILE n 
1 103 TYR n 
1 104 ALA n 
1 105 ARG n 
1 106 LYS n 
1 107 LEU n 
1 108 GLY n 
1 109 VAL n 
1 110 ASP n 
1 111 ILE n 
1 112 ASP n 
1 113 ASN n 
1 114 LEU n 
1 115 LEU n 
1 116 CYS n 
1 117 SER n 
1 118 GLN n 
1 119 PRO n 
1 120 ASP n 
1 121 THR n 
1 122 GLY n 
1 123 GLU n 
1 124 GLN n 
1 125 ALA n 
1 126 LEU n 
1 127 GLU n 
1 128 ILE n 
1 129 CYS n 
1 130 ASP n 
1 131 ALA n 
1 132 LEU n 
1 133 ALA n 
1 134 ARG n 
1 135 SER n 
1 136 GLY n 
1 137 ALA n 
1 138 VAL n 
1 139 ASP n 
1 140 VAL n 
1 141 ILE n 
1 142 VAL n 
1 143 VAL n 
1 144 ASP n 
1 145 SER n 
1 146 VAL n 
1 147 ALA n 
1 148 ALA n 
1 149 LEU n 
1 150 THR n 
1 151 PRO n 
1 152 LYS n 
1 153 ALA n 
1 154 GLU n 
1 155 ILE n 
1 156 GLU n 
1 157 GLY n 
1 158 GLU n 
1 159 ILE n 
1 160 GLY n 
1 161 ASP n 
1 162 SER n 
1 163 HIS n 
1 164 MET n 
1 165 GLY n 
1 166 LEU n 
1 167 ALA n 
1 168 ALA n 
1 169 ARG n 
1 170 MET n 
1 171 MET n 
1 172 SER n 
1 173 GLN n 
1 174 ALA n 
1 175 MET n 
1 176 ARG n 
1 177 LYS n 
1 178 LEU n 
1 179 ALA n 
1 180 GLY n 
1 181 ASN n 
1 182 LEU n 
1 183 LYS n 
1 184 GLN n 
1 185 SER n 
1 186 ASN n 
1 187 THR n 
1 188 LEU n 
1 189 LEU n 
1 190 ILE n 
1 191 PHE n 
1 192 ILE n 
1 193 ASN n 
1 194 GLN n 
1 195 ILE n 
1 196 ARG n 
1 197 MET n 
1 198 LYS n 
1 199 ILE n 
1 200 GLY n 
1 201 VAL n 
1 202 MET n 
1 203 PHE n 
1 204 GLY n 
1 205 ASN n 
1 206 PRO n 
1 207 GLU n 
1 208 THR n 
1 209 THR n 
1 210 THR n 
1 211 GLY n 
1 212 GLY n 
1 213 ASN n 
1 214 ALA n 
1 215 LEU n 
1 216 LYS n 
1 217 PHE n 
1 218 TYR n 
1 219 ALA n 
1 220 SER n 
1 221 VAL n 
1 222 ARG n 
1 223 LEU n 
1 224 ASP n 
1 225 ILE n 
1 226 ARG n 
1 227 ARG n 
1 228 ILE n 
1 229 GLY n 
1 230 ALA n 
1 231 VAL n 
1 232 LYS n 
1 233 GLU n 
1 234 GLY n 
1 235 GLU n 
1 236 ASN n 
1 237 VAL n 
1 238 VAL n 
1 239 GLY n 
1 240 SER n 
1 241 GLU n 
1 242 THR n 
1 243 ARG n 
1 244 VAL n 
1 245 LYS n 
1 246 VAL n 
1 247 VAL n 
1 248 LYS n 
1 249 ASN n 
1 250 LYS n 
1 251 ILE n 
1 252 ALA n 
1 253 ALA n 
1 254 PRO n 
1 255 PHE n 
1 256 LYS n 
1 257 GLN n 
1 258 ALA n 
1 259 GLU n 
1 260 PHE n 
1 261 GLN n 
1 262 ILE n 
1 263 LEU n 
1 264 TYR n 
1 265 GLY n 
1 266 GLU n 
1 267 GLY n 
1 268 ILE n 
1 269 ASN n 
1 270 PHE n 
1 271 TYR n 
1 272 GLY n 
1 273 GLU n 
1 274 LEU n 
1 275 VAL n 
1 276 ASP n 
1 277 LEU n 
1 278 GLY n 
1 279 VAL n 
1 280 LYS n 
1 281 GLU n 
1 282 LYS n 
1 283 LEU n 
1 284 ILE n 
1 285 GLU n 
1 286 LYS n 
1 287 ALA n 
1 288 GLY n 
1 289 ALA n 
1 290 TRP n 
1 291 TYR n 
1 292 SER n 
1 293 TYR n 
1 294 LYS n 
1 295 GLY n 
1 296 GLU n 
1 297 LYS n 
1 298 ILE n 
1 299 GLY n 
1 300 GLN n 
1 301 GLY n 
1 302 LYS n 
1 303 ALA n 
1 304 ASN n 
1 305 ALA n 
1 306 THR n 
1 307 ALA n 
1 308 TRP n 
1 309 LEU n 
1 310 LYS n 
1 311 ASP n 
1 312 ASN n 
1 313 PRO n 
1 314 GLU n 
1 315 THR n 
1 316 ALA n 
1 317 LYS n 
1 318 GLU n 
1 319 ILE n 
1 320 GLU n 
1 321 LYS n 
1 322 LYS n 
1 323 VAL n 
1 324 ARG n 
1 325 GLU n 
1 326 LEU n 
1 327 LEU n 
1 328 LEU n 
1 329 SER n 
1 330 ASN n 
1 331 PRO n 
1 332 ASN n 
1 333 SER n 
1 334 THR n 
1 335 PRO n 
1 336 ASP n 
1 337 PHE n 
1 338 SER n 
1 339 VAL n 
1 340 ASP n 
1 341 ASP n 
1 342 SER n 
1 343 GLU n 
1 344 GLY n 
1 345 VAL n 
1 346 ALA n 
1 347 GLU n 
1 348 THR n 
1 349 ASN n 
1 350 GLU n 
1 351 ASP n 
1 352 PHE n 
# 
_entity_src_gen.entity_id                          1 
_entity_src_gen.pdbx_src_id                        1 
_entity_src_gen.pdbx_alt_source_flag               sample 
_entity_src_gen.pdbx_seq_type                      ? 
_entity_src_gen.pdbx_beg_seq_num                   ? 
_entity_src_gen.pdbx_end_seq_num                   ? 
_entity_src_gen.gene_src_common_name               ? 
_entity_src_gen.gene_src_genus                     Escherichia 
_entity_src_gen.pdbx_gene_src_gene                 ? 
_entity_src_gen.gene_src_species                   ? 
_entity_src_gen.gene_src_strain                    ? 
_entity_src_gen.gene_src_tissue                    ? 
_entity_src_gen.gene_src_tissue_fraction           ? 
_entity_src_gen.gene_src_details                   ? 
_entity_src_gen.pdbx_gene_src_fragment             ? 
_entity_src_gen.pdbx_gene_src_scientific_name      'Escherichia coli' 
_entity_src_gen.pdbx_gene_src_ncbi_taxonomy_id     562 
_entity_src_gen.pdbx_gene_src_variant              ? 
_entity_src_gen.pdbx_gene_src_cell_line            ? 
_entity_src_gen.pdbx_gene_src_atcc                 ? 
_entity_src_gen.pdbx_gene_src_organ                ? 
_entity_src_gen.pdbx_gene_src_organelle            ? 
_entity_src_gen.pdbx_gene_src_cell                 ? 
_entity_src_gen.pdbx_gene_src_cellular_location    ? 
_entity_src_gen.host_org_common_name               ? 
_entity_src_gen.pdbx_host_org_scientific_name      ? 
_entity_src_gen.pdbx_host_org_ncbi_taxonomy_id     ? 
_entity_src_gen.host_org_genus                     ? 
_entity_src_gen.pdbx_host_org_gene                 ? 
_entity_src_gen.pdbx_host_org_organ                ? 
_entity_src_gen.host_org_species                   ? 
_entity_src_gen.pdbx_host_org_tissue               ? 
_entity_src_gen.pdbx_host_org_tissue_fraction      ? 
_entity_src_gen.pdbx_host_org_strain               ? 
_entity_src_gen.pdbx_host_org_variant              ? 
_entity_src_gen.pdbx_host_org_cell_line            ? 
_entity_src_gen.pdbx_host_org_atcc                 ? 
_entity_src_gen.pdbx_host_org_culture_collection   ? 
_entity_src_gen.pdbx_host_org_cell                 ? 
_entity_src_gen.pdbx_host_org_organelle            ? 
_entity_src_gen.pdbx_host_org_cellular_location    ? 
_entity_src_gen.pdbx_host_org_vector_type          ? 
_entity_src_gen.pdbx_host_org_vector               ? 
_entity_src_gen.host_org_details                   ? 
_entity_src_gen.expression_system_id               ? 
_entity_src_gen.plasmid_name                       ? 
_entity_src_gen.plasmid_details                    ? 
_entity_src_gen.pdbx_description                   ? 
# 
loop_
_chem_comp.id 
_chem_comp.type 
_chem_comp.mon_nstd_flag 
_chem_comp.name 
_chem_comp.pdbx_synonyms 
_chem_comp.formula 
_chem_comp.formula_weight 
ADP non-polymer         n "ADENOSINE-5'-DIPHOSPHATE" ? 'C10 H15 N5 O10 P2' 427.201 
ALA 'L-peptide linking' y ALANINE                    ? 'C3 H7 N O2'        89.093  
ARG 'L-peptide linking' y ARGININE                   ? 'C6 H15 N4 O2 1'    175.209 
ASN 'L-peptide linking' y ASPARAGINE                 ? 'C4 H8 N2 O3'       132.118 
ASP 'L-peptide linking' y 'ASPARTIC ACID'            ? 'C4 H7 N O4'        133.103 
CYS 'L-peptide linking' y CYSTEINE                   ? 'C3 H7 N O2 S'      121.158 
GLN 'L-peptide linking' y GLUTAMINE                  ? 'C5 H10 N2 O3'      146.144 
GLU 'L-peptide linking' y 'GLUTAMIC ACID'            ? 'C5 H9 N O4'        147.129 
GLY 'peptide linking'   y GLYCINE                    ? 'C2 H5 N O2'        75.067  
HIS 'L-peptide linking' y HISTIDINE                  ? 'C6 H10 N3 O2 1'    156.162 
ILE 'L-peptide linking' y ISOLEUCINE                 ? 'C6 H13 N O2'       131.173 
LEU 'L-peptide linking' y LEUCINE                    ? 'C6 H13 N O2'       131.173 
LYS 'L-peptide linking' y LYSINE                     ? 'C6 H15 N2 O2 1'    147.195 
MET 'L-peptide linking' y METHIONINE                 ? 'C5 H11 N O2 S'     149.211 
PHE 'L-peptide linking' y PHENYLALANINE              ? 'C9 H11 N O2'       165.189 
PRO 'L-peptide linking' y PROLINE                    ? 'C5 H9 N O2'        115.130 
SER 'L-peptide linking' y SERINE                     ? 'C3 H7 N O3'        105.093 
THR 'L-peptide linking' y THREONINE                  ? 'C4 H9 N O3'        119.119 
TRP 'L-peptide linking' y TRYPTOPHAN                 ? 'C11 H12 N2 O2'     204.225 
TYR 'L-peptide linking' y TYROSINE                   ? 'C9 H11 N O3'       181.189 
VAL 'L-peptide linking' y VALINE                     ? 'C5 H11 N O2'       117.146 
# 
loop_
_pdbx_poly_seq_scheme.asym_id 
_pdbx_poly_seq_scheme.entity_id 
_pdbx_poly_seq_scheme.seq_id 
_pdbx_poly_seq_scheme.mon_id 
_pdbx_poly_seq_scheme.ndb_seq_num 
_pdbx_poly_seq_scheme.pdb_seq_num 
_pdbx_poly_seq_scheme.auth_seq_num 
_pdbx_poly_seq_scheme.pdb_mon_id 
_pdbx_poly_seq_scheme.auth_mon_id 
_pdbx_poly_seq_scheme.pdb_strand_id 
_pdbx_poly_seq_scheme.pdb_ins_code 
_pdbx_poly_seq_scheme.hetero 
A 1 1   ALA 1   1   ?   ?   ?   A . n 
A 1 2   ILE 2   2   ?   ?   ?   A . n 
A 1 3   ASP 3   3   3   ASP ASP A . n 
A 1 4   GLU 4   4   4   GLU GLU A . n 
A 1 5   ASN 5   5   5   ASN ASN A . n 
A 1 6   LYS 6   6   6   LYS LYS A . n 
A 1 7   GLN 7   7   7   GLN GLN A . n 
A 1 8   LYS 8   8   8   LYS LYS A . n 
A 1 9   ALA 9   9   9   ALA ALA A . n 
A 1 10  LEU 10  10  10  LEU LEU A . n 
A 1 11  ALA 11  11  11  ALA ALA A . n 
A 1 12  ALA 12  12  12  ALA ALA A . n 
A 1 13  ALA 13  13  13  ALA ALA A . n 
A 1 14  LEU 14  14  14  LEU LEU A . n 
A 1 15  GLY 15  15  15  GLY GLY A . n 
A 1 16  GLN 16  16  16  GLN GLN A . n 
A 1 17  ILE 17  17  17  ILE ILE A . n 
A 1 18  GLU 18  18  18  GLU GLU A . n 
A 1 19  LYS 19  19  19  LYS LYS A . n 
A 1 20  GLN 20  20  20  GLN GLN A . n 
A 1 21  PHE 21  21  21  PHE PHE A . n 
A 1 22  GLY 22  22  22  GLY GLY A . n 
A 1 23  LYS 23  23  23  LYS LYS A . n 
A 1 24  GLY 24  24  24  GLY GLY A . n 
A 1 25  SER 25  25  25  SER SER A . n 
A 1 26  ILE 26  26  26  ILE ILE A . n 
A 1 27  MET 27  27  27  MET MET A . n 
A 1 28  ARG 28  28  28  ARG ARG A . n 
A 1 29  LEU 29  29  29  LEU LEU A . n 
A 1 30  GLY 30  30  30  GLY GLY A . n 
A 1 31  GLU 31  31  31  GLU GLU A . n 
A 1 32  ASP 32  32  32  ASP ASP A . n 
A 1 33  ARG 33  33  33  ARG ARG A . n 
A 1 34  SER 34  34  34  SER SER A . n 
A 1 35  MET 35  35  35  MET MET A . n 
A 1 36  ASP 36  36  36  ASP ASP A . n 
A 1 37  VAL 37  37  37  VAL VAL A . n 
A 1 38  GLU 38  38  38  GLU GLU A . n 
A 1 39  THR 39  39  39  THR THR A . n 
A 1 40  ILE 40  40  40  ILE ILE A . n 
A 1 41  SER 41  41  41  SER SER A . n 
A 1 42  THR 42  42  42  THR THR A . n 
A 1 43  GLY 43  43  43  GLY GLY A . n 
A 1 44  SER 44  44  44  SER SER A . n 
A 1 45  LEU 45  45  45  LEU LEU A . n 
A 1 46  SER 46  46  46  SER SER A . n 
A 1 47  LEU 47  47  47  LEU LEU A . n 
A 1 48  ASP 48  48  48  ASP ASP A . n 
A 1 49  ILE 49  49  49  ILE ILE A . n 
A 1 50  ALA 50  50  50  ALA ALA A . n 
A 1 51  LEU 51  51  51  LEU LEU A . n 
A 1 52  GLY 52  52  52  GLY GLY A . n 
A 1 53  ALA 53  53  53  ALA ALA A . n 
A 1 54  GLY 54  54  54  GLY GLY A . n 
A 1 55  GLY 55  55  55  GLY GLY A . n 
A 1 56  LEU 56  56  56  LEU LEU A . n 
A 1 57  PRO 57  57  57  PRO PRO A . n 
A 1 58  MET 58  58  58  MET MET A . n 
A 1 59  GLY 59  59  59  GLY GLY A . n 
A 1 60  ARG 60  60  60  ARG ARG A . n 
A 1 61  ILE 61  61  61  ILE ILE A . n 
A 1 62  VAL 62  62  62  VAL VAL A . n 
A 1 63  GLU 63  63  63  GLU GLU A . n 
A 1 64  ILE 64  64  64  ILE ILE A . n 
A 1 65  TYR 65  65  65  TYR TYR A . n 
A 1 66  GLY 66  66  66  GLY GLY A . n 
A 1 67  PRO 67  67  67  PRO PRO A . n 
A 1 68  GLU 68  68  68  GLU GLU A . n 
A 1 69  SER 69  69  69  SER SER A . n 
A 1 70  SER 70  70  70  SER SER A . n 
A 1 71  GLY 71  71  71  GLY GLY A . n 
A 1 72  LYS 72  72  72  LYS LYS A . n 
A 1 73  THR 73  73  73  THR THR A . n 
A 1 74  THR 74  74  74  THR THR A . n 
A 1 75  LEU 75  75  75  LEU LEU A . n 
A 1 76  THR 76  76  76  THR THR A . n 
A 1 77  LEU 77  77  77  LEU LEU A . n 
A 1 78  GLN 78  78  78  GLN GLN A . n 
A 1 79  VAL 79  79  79  VAL VAL A . n 
A 1 80  ILE 80  80  80  ILE ILE A . n 
A 1 81  ALA 81  81  81  ALA ALA A . n 
A 1 82  ALA 82  82  82  ALA ALA A . n 
A 1 83  ALA 83  83  83  ALA ALA A . n 
A 1 84  GLN 84  84  84  GLN GLN A . n 
A 1 85  ARG 85  85  85  ARG ARG A . n 
A 1 86  GLU 86  86  86  GLU GLU A . n 
A 1 87  GLY 87  87  87  GLY GLY A . n 
A 1 88  LYS 88  88  88  LYS LYS A . n 
A 1 89  THR 89  89  89  THR THR A . n 
A 1 90  CYS 90  90  90  CYS CYS A . n 
A 1 91  ALA 91  91  91  ALA ALA A . n 
A 1 92  PHE 92  92  92  PHE PHE A . n 
A 1 93  ILE 93  93  93  ILE ILE A . n 
A 1 94  ASP 94  94  94  ASP ASP A . n 
A 1 95  ALA 95  95  95  ALA ALA A . n 
A 1 96  GLU 96  96  96  GLU GLU A . n 
A 1 97  HIS 97  97  97  HIS HIS A . n 
A 1 98  ALA 98  98  98  ALA ALA A . n 
A 1 99  LEU 99  99  99  LEU LEU A . n 
A 1 100 ASP 100 100 100 ASP ASP A . n 
A 1 101 PRO 101 101 101 PRO PRO A . n 
A 1 102 ILE 102 102 102 ILE ILE A . n 
A 1 103 TYR 103 103 103 TYR TYR A . n 
A 1 104 ALA 104 104 104 ALA ALA A . n 
A 1 105 ARG 105 105 105 ARG ARG A . n 
A 1 106 LYS 106 106 106 LYS LYS A . n 
A 1 107 LEU 107 107 107 LEU LEU A . n 
A 1 108 GLY 108 108 108 GLY GLY A . n 
A 1 109 VAL 109 109 109 VAL VAL A . n 
A 1 110 ASP 110 110 110 ASP ASP A . n 
A 1 111 ILE 111 111 111 ILE ILE A . n 
A 1 112 ASP 112 112 112 ASP ASP A . n 
A 1 113 ASN 113 113 113 ASN ASN A . n 
A 1 114 LEU 114 114 114 LEU LEU A . n 
A 1 115 LEU 115 115 115 LEU LEU A . n 
A 1 116 CYS 116 116 116 CYS CYS A . n 
A 1 117 SER 117 117 117 SER SER A . n 
A 1 118 GLN 118 118 118 GLN GLN A . n 
A 1 119 PRO 119 119 119 PRO PRO A . n 
A 1 120 ASP 120 120 120 ASP ASP A . n 
A 1 121 THR 121 121 121 THR THR A . n 
A 1 122 GLY 122 122 122 GLY GLY A . n 
A 1 123 GLU 123 123 123 GLU GLU A . n 
A 1 124 GLN 124 124 124 GLN GLN A . n 
A 1 125 ALA 125 125 125 ALA ALA A . n 
A 1 126 LEU 126 126 126 LEU LEU A . n 
A 1 127 GLU 127 127 127 GLU GLU A . n 
A 1 128 ILE 128 128 128 ILE ILE A . n 
A 1 129 CYS 129 129 129 CYS CYS A . n 
A 1 130 ASP 130 130 130 ASP ASP A . n 
A 1 131 ALA 131 131 131 ALA ALA A . n 
A 1 132 LEU 132 132 132 LEU LEU A . n 
A 1 133 ALA 133 133 133 ALA ALA A . n 
A 1 134 ARG 134 134 134 ARG ARG A . n 
A 1 135 SER 135 135 135 SER SER A . n 
A 1 136 GLY 136 136 136 GLY GLY A . n 
A 1 137 ALA 137 137 137 ALA ALA A . n 
A 1 138 VAL 138 138 138 VAL VAL A . n 
A 1 139 ASP 139 139 139 ASP ASP A . n 
A 1 140 VAL 140 140 140 VAL VAL A . n 
A 1 141 ILE 141 141 141 ILE ILE A . n 
A 1 142 VAL 142 142 142 VAL VAL A . n 
A 1 143 VAL 143 143 143 VAL VAL A . n 
A 1 144 ASP 144 144 144 ASP ASP A . n 
A 1 145 SER 145 145 145 SER SER A . n 
A 1 146 VAL 146 146 146 VAL VAL A . n 
A 1 147 ALA 147 147 147 ALA ALA A . n 
A 1 148 ALA 148 148 148 ALA ALA A . n 
A 1 149 LEU 149 149 149 LEU LEU A . n 
A 1 150 THR 150 150 150 THR THR A . n 
A 1 151 PRO 151 151 151 PRO PRO A . n 
A 1 152 LYS 152 152 152 LYS LYS A . n 
A 1 153 ALA 153 153 153 ALA ALA A . n 
A 1 154 GLU 154 154 154 GLU GLU A . n 
A 1 155 ILE 155 155 155 ILE ILE A . n 
A 1 156 GLU 156 156 156 GLU GLU A . n 
A 1 157 GLY 157 157 ?   ?   ?   A . n 
A 1 158 GLU 158 158 ?   ?   ?   A . n 
A 1 159 ILE 159 159 ?   ?   ?   A . n 
A 1 160 GLY 160 160 ?   ?   ?   A . n 
A 1 161 ASP 161 161 ?   ?   ?   A . n 
A 1 162 SER 162 162 ?   ?   ?   A . n 
A 1 163 HIS 163 163 ?   ?   ?   A . n 
A 1 164 MET 164 164 ?   ?   ?   A . n 
A 1 165 GLY 165 165 165 GLY GLY A . n 
A 1 166 LEU 166 166 166 LEU LEU A . n 
A 1 167 ALA 167 167 167 ALA ALA A . n 
A 1 168 ALA 168 168 168 ALA ALA A . n 
A 1 169 ARG 169 169 169 ARG ARG A . n 
A 1 170 MET 170 170 170 MET MET A . n 
A 1 171 MET 171 171 171 MET MET A . n 
A 1 172 SER 172 172 172 SER SER A . n 
A 1 173 GLN 173 173 173 GLN GLN A . n 
A 1 174 ALA 174 174 174 ALA ALA A . n 
A 1 175 MET 175 175 175 MET MET A . n 
A 1 176 ARG 176 176 176 ARG ARG A . n 
A 1 177 LYS 177 177 177 LYS LYS A . n 
A 1 178 LEU 178 178 178 LEU LEU A . n 
A 1 179 ALA 179 179 179 ALA ALA A . n 
A 1 180 GLY 180 180 180 GLY GLY A . n 
A 1 181 ASN 181 181 181 ASN ASN A . n 
A 1 182 LEU 182 182 182 LEU LEU A . n 
A 1 183 LYS 183 183 183 LYS LYS A . n 
A 1 184 GLN 184 184 184 GLN GLN A . n 
A 1 185 SER 185 185 185 SER SER A . n 
A 1 186 ASN 186 186 186 ASN ASN A . n 
A 1 187 THR 187 187 187 THR THR A . n 
A 1 188 LEU 188 188 188 LEU LEU A . n 
A 1 189 LEU 189 189 189 LEU LEU A . n 
A 1 190 ILE 190 190 190 ILE ILE A . n 
A 1 191 PHE 191 191 191 PHE PHE A . n 
A 1 192 ILE 192 192 192 ILE ILE A . n 
A 1 193 ASN 193 193 193 ASN ASN A . n 
A 1 194 GLN 194 194 194 GLN GLN A . n 
A 1 195 ILE 195 195 195 ILE ILE A . n 
A 1 196 ARG 196 196 ?   ?   ?   A . n 
A 1 197 MET 197 197 ?   ?   ?   A . n 
A 1 198 LYS 198 198 ?   ?   ?   A . n 
A 1 199 ILE 199 199 ?   ?   ?   A . n 
A 1 200 GLY 200 200 ?   ?   ?   A . n 
A 1 201 VAL 201 201 ?   ?   ?   A . n 
A 1 202 MET 202 202 ?   ?   ?   A . n 
A 1 203 PHE 203 203 ?   ?   ?   A . n 
A 1 204 GLY 204 204 ?   ?   ?   A . n 
A 1 205 ASN 205 205 ?   ?   ?   A . n 
A 1 206 PRO 206 206 ?   ?   ?   A . n 
A 1 207 GLU 207 207 ?   ?   ?   A . n 
A 1 208 THR 208 208 ?   ?   ?   A . n 
A 1 209 THR 209 209 ?   ?   ?   A . n 
A 1 210 THR 210 210 210 THR THR A . n 
A 1 211 GLY 211 211 211 GLY GLY A . n 
A 1 212 GLY 212 212 212 GLY GLY A . n 
A 1 213 ASN 213 213 213 ASN ASN A . n 
A 1 214 ALA 214 214 214 ALA ALA A . n 
A 1 215 LEU 215 215 215 LEU LEU A . n 
A 1 216 LYS 216 216 216 LYS LYS A . n 
A 1 217 PHE 217 217 217 PHE PHE A . n 
A 1 218 TYR 218 218 218 TYR TYR A . n 
A 1 219 ALA 219 219 219 ALA ALA A . n 
A 1 220 SER 220 220 220 SER SER A . n 
A 1 221 VAL 221 221 221 VAL VAL A . n 
A 1 222 ARG 222 222 222 ARG ARG A . n 
A 1 223 LEU 223 223 223 LEU LEU A . n 
A 1 224 ASP 224 224 224 ASP ASP A . n 
A 1 225 ILE 225 225 225 ILE ILE A . n 
A 1 226 ARG 226 226 226 ARG ARG A . n 
A 1 227 ARG 227 227 227 ARG ARG A . n 
A 1 228 ILE 228 228 228 ILE ILE A . n 
A 1 229 GLY 229 229 229 GLY GLY A . n 
A 1 230 ALA 230 230 230 ALA ALA A . n 
A 1 231 VAL 231 231 231 VAL VAL A . n 
A 1 232 LYS 232 232 232 LYS LYS A . n 
A 1 233 GLU 233 233 233 GLU GLU A . n 
A 1 234 GLY 234 234 234 GLY GLY A . n 
A 1 235 GLU 235 235 235 GLU GLU A . n 
A 1 236 ASN 236 236 236 ASN ASN A . n 
A 1 237 VAL 237 237 237 VAL VAL A . n 
A 1 238 VAL 238 238 238 VAL VAL A . n 
A 1 239 GLY 239 239 239 GLY GLY A . n 
A 1 240 SER 240 240 240 SER SER A . n 
A 1 241 GLU 241 241 241 GLU GLU A . n 
A 1 242 THR 242 242 242 THR THR A . n 
A 1 243 ARG 243 243 243 ARG ARG A . n 
A 1 244 VAL 244 244 244 VAL VAL A . n 
A 1 245 LYS 245 245 245 LYS LYS A . n 
A 1 246 VAL 246 246 246 VAL VAL A . n 
A 1 247 VAL 247 247 247 VAL VAL A . n 
A 1 248 LYS 248 248 248 LYS LYS A . n 
A 1 249 ASN 249 249 249 ASN ASN A . n 
A 1 250 LYS 250 250 250 LYS LYS A . n 
A 1 251 ILE 251 251 251 ILE ILE A . n 
A 1 252 ALA 252 252 252 ALA ALA A . n 
A 1 253 ALA 253 253 253 ALA ALA A . n 
A 1 254 PRO 254 254 254 PRO PRO A . n 
A 1 255 PHE 255 255 255 PHE PHE A . n 
A 1 256 LYS 256 256 256 LYS LYS A . n 
A 1 257 GLN 257 257 257 GLN GLN A . n 
A 1 258 ALA 258 258 258 ALA ALA A . n 
A 1 259 GLU 259 259 259 GLU GLU A . n 
A 1 260 PHE 260 260 260 PHE PHE A . n 
A 1 261 GLN 261 261 261 GLN GLN A . n 
A 1 262 ILE 262 262 262 ILE ILE A . n 
A 1 263 LEU 263 263 263 LEU LEU A . n 
A 1 264 TYR 264 264 264 TYR TYR A . n 
A 1 265 GLY 265 265 265 GLY GLY A . n 
A 1 266 GLU 266 266 266 GLU GLU A . n 
A 1 267 GLY 267 267 267 GLY GLY A . n 
A 1 268 ILE 268 268 268 ILE ILE A . n 
A 1 269 ASN 269 269 269 ASN ASN A . n 
A 1 270 PHE 270 270 270 PHE PHE A . n 
A 1 271 TYR 271 271 271 TYR TYR A . n 
A 1 272 GLY 272 272 272 GLY GLY A . n 
A 1 273 GLU 273 273 273 GLU GLU A . n 
A 1 274 LEU 274 274 274 LEU LEU A . n 
A 1 275 VAL 275 275 275 VAL VAL A . n 
A 1 276 ASP 276 276 276 ASP ASP A . n 
A 1 277 LEU 277 277 277 LEU LEU A . n 
A 1 278 GLY 278 278 278 GLY GLY A . n 
A 1 279 VAL 279 279 279 VAL VAL A . n 
A 1 280 LYS 280 280 280 LYS LYS A . n 
A 1 281 GLU 281 281 281 GLU GLU A . n 
A 1 282 LYS 282 282 282 LYS LYS A . n 
A 1 283 LEU 283 283 283 LEU LEU A . n 
A 1 284 ILE 284 284 284 ILE ILE A . n 
A 1 285 GLU 285 285 285 GLU GLU A . n 
A 1 286 LYS 286 286 286 LYS LYS A . n 
A 1 287 ALA 287 287 287 ALA ALA A . n 
A 1 288 GLY 288 288 288 GLY GLY A . n 
A 1 289 ALA 289 289 289 ALA ALA A . n 
A 1 290 TRP 290 290 290 TRP TRP A . n 
A 1 291 TYR 291 291 291 TYR TYR A . n 
A 1 292 SER 292 292 292 SER SER A . n 
A 1 293 TYR 293 293 293 TYR TYR A . n 
A 1 294 LYS 294 294 294 LYS LYS A . n 
A 1 295 GLY 295 295 295 GLY GLY A . n 
A 1 296 GLU 296 296 296 GLU GLU A . n 
A 1 297 LYS 297 297 297 LYS LYS A . n 
A 1 298 ILE 298 298 298 ILE ILE A . n 
A 1 299 GLY 299 299 299 GLY GLY A . n 
A 1 300 GLN 300 300 300 GLN GLN A . n 
A 1 301 GLY 301 301 301 GLY GLY A . n 
A 1 302 LYS 302 302 302 LYS LYS A . n 
A 1 303 ALA 303 303 303 ALA ALA A . n 
A 1 304 ASN 304 304 304 ASN ASN A . n 
A 1 305 ALA 305 305 305 ALA ALA A . n 
A 1 306 THR 306 306 306 THR THR A . n 
A 1 307 ALA 307 307 307 ALA ALA A . n 
A 1 308 TRP 308 308 308 TRP TRP A . n 
A 1 309 LEU 309 309 309 LEU LEU A . n 
A 1 310 LYS 310 310 310 LYS LYS A . n 
A 1 311 ASP 311 311 311 ASP ASP A . n 
A 1 312 ASN 312 312 312 ASN ASN A . n 
A 1 313 PRO 313 313 313 PRO PRO A . n 
A 1 314 GLU 314 314 314 GLU GLU A . n 
A 1 315 THR 315 315 315 THR THR A . n 
A 1 316 ALA 316 316 316 ALA ALA A . n 
A 1 317 LYS 317 317 317 LYS LYS A . n 
A 1 318 GLU 318 318 318 GLU GLU A . n 
A 1 319 ILE 319 319 319 ILE ILE A . n 
A 1 320 GLU 320 320 320 GLU GLU A . n 
A 1 321 LYS 321 321 321 LYS LYS A . n 
A 1 322 LYS 322 322 322 LYS LYS A . n 
A 1 323 VAL 323 323 323 VAL VAL A . n 
A 1 324 ARG 324 324 324 ARG ARG A . n 
A 1 325 GLU 325 325 325 GLU GLU A . n 
A 1 326 LEU 326 326 326 LEU LEU A . n 
A 1 327 LEU 327 327 327 LEU LEU A . n 
A 1 328 LEU 328 328 328 LEU LEU A . n 
A 1 329 SER 329 329 ?   ?   ?   A . n 
A 1 330 ASN 330 330 ?   ?   ?   A . n 
A 1 331 PRO 331 331 ?   ?   ?   A . n 
A 1 332 ASN 332 332 ?   ?   ?   A . n 
A 1 333 SER 333 333 ?   ?   ?   A . n 
A 1 334 THR 334 334 ?   ?   ?   A . n 
A 1 335 PRO 335 335 ?   ?   ?   A . n 
A 1 336 ASP 336 336 ?   ?   ?   A . n 
A 1 337 PHE 337 337 ?   ?   ?   A . n 
A 1 338 SER 338 338 ?   ?   ?   A . n 
A 1 339 VAL 339 339 ?   ?   ?   A . n 
A 1 340 ASP 340 340 ?   ?   ?   A . n 
A 1 341 ASP 341 341 ?   ?   ?   A . n 
A 1 342 SER 342 342 ?   ?   ?   A . n 
A 1 343 GLU 343 343 ?   ?   ?   A . n 
A 1 344 GLY 344 344 ?   ?   ?   A . n 
A 1 345 VAL 345 345 ?   ?   ?   A . n 
A 1 346 ALA 346 346 ?   ?   ?   A . n 
A 1 347 GLU 347 347 ?   ?   ?   A . n 
A 1 348 THR 348 348 ?   ?   ?   A . n 
A 1 349 ASN 349 349 ?   ?   ?   A . n 
A 1 350 GLU 350 350 ?   ?   ?   A . n 
A 1 351 ASP 351 351 ?   ?   ?   A . n 
A 1 352 PHE 352 352 ?   ?   ?   A . n 
# 
_pdbx_nonpoly_scheme.asym_id         B 
_pdbx_nonpoly_scheme.entity_id       2 
_pdbx_nonpoly_scheme.mon_id          ADP 
_pdbx_nonpoly_scheme.ndb_seq_num     1 
_pdbx_nonpoly_scheme.pdb_seq_num     500 
_pdbx_nonpoly_scheme.auth_seq_num    500 
_pdbx_nonpoly_scheme.pdb_mon_id      ADP 
_pdbx_nonpoly_scheme.auth_mon_id     ADP 
_pdbx_nonpoly_scheme.pdb_strand_id   A 
_pdbx_nonpoly_scheme.pdb_ins_code    . 
# 
loop_
_software.name 
_software.classification 
_software.version 
_software.citation_id 
_software.pdbx_ordinal 
X-PLOR 'model building' 2.1 ? 1 
X-PLOR refinement       2.1 ? 2 
X-PLOR phasing          2.1 ? 3 
# 
_cell.entry_id           1REA 
_cell.length_a           102.200 
_cell.length_b           102.200 
_cell.length_c           83.100 
_cell.angle_alpha        90.00 
_cell.angle_beta         90.00 
_cell.angle_gamma        120.00 
_cell.Z_PDB              6 
_cell.pdbx_unique_axis   ? 
_cell.length_a_esd       ? 
_cell.length_b_esd       ? 
_cell.length_c_esd       ? 
_cell.angle_alpha_esd    ? 
_cell.angle_beta_esd     ? 
_cell.angle_gamma_esd    ? 
# 
_symmetry.entry_id                         1REA 
_symmetry.space_group_name_H-M             'P 61' 
_symmetry.pdbx_full_space_group_name_H-M   ? 
_symmetry.cell_setting                     ? 
_symmetry.Int_Tables_number                169 
_symmetry.space_group_name_Hall            ? 
# 
_exptl.entry_id          1REA 
_exptl.method            'X-RAY DIFFRACTION' 
_exptl.crystals_number   ? 
# 
_exptl_crystal.id                    1 
_exptl_crystal.density_meas          ? 
_exptl_crystal.density_Matthews      3.31 
_exptl_crystal.density_percent_sol   62.79 
_exptl_crystal.description           ? 
_exptl_crystal.F_000                 ? 
_exptl_crystal.preparation           ? 
# 
_diffrn.id                     1 
_diffrn.ambient_temp           ? 
_diffrn.ambient_temp_details   ? 
_diffrn.crystal_id             1 
# 
_diffrn_radiation.diffrn_id                        1 
_diffrn_radiation.wavelength_id                    1 
_diffrn_radiation.monochromator                    ? 
_diffrn_radiation.pdbx_monochromatic_or_laue_m_l   ? 
_diffrn_radiation.pdbx_diffrn_protocol             ? 
_diffrn_radiation.pdbx_scattering_type             x-ray 
# 
_diffrn_radiation_wavelength.id           1 
_diffrn_radiation_wavelength.wavelength   . 
_diffrn_radiation_wavelength.wt           1.0 
# 
_refine.entry_id                                 1REA 
_refine.ls_number_reflns_obs                     ? 
_refine.ls_number_reflns_all                     ? 
_refine.pdbx_ls_sigma_I                          ? 
_refine.pdbx_ls_sigma_F                          ? 
_refine.pdbx_data_cutoff_high_absF               ? 
_refine.pdbx_data_cutoff_low_absF                ? 
_refine.pdbx_data_cutoff_high_rms_absF           ? 
_refine.ls_d_res_low                             ? 
_refine.ls_d_res_high                            2.7 
_refine.ls_percent_reflns_obs                    ? 
_refine.ls_R_factor_obs                          0.2230000 
_refine.ls_R_factor_all                          ? 
_refine.ls_R_factor_R_work                       0.2230000 
_refine.ls_R_factor_R_free                       ? 
_refine.ls_R_factor_R_free_error                 ? 
_refine.ls_R_factor_R_free_error_details         ? 
_refine.ls_percent_reflns_R_free                 ? 
_refine.ls_number_reflns_R_free                  ? 
_refine.ls_number_parameters                     ? 
_refine.ls_number_restraints                     ? 
_refine.occupancy_min                            ? 
_refine.occupancy_max                            ? 
_refine.B_iso_mean                               ? 
_refine.aniso_B[1][1]                            ? 
_refine.aniso_B[2][2]                            ? 
_refine.aniso_B[3][3]                            ? 
_refine.aniso_B[1][2]                            ? 
_refine.aniso_B[1][3]                            ? 
_refine.aniso_B[2][3]                            ? 
_refine.solvent_model_details                    ? 
_refine.solvent_model_param_ksol                 ? 
_refine.solvent_model_param_bsol                 ? 
_refine.pdbx_ls_cross_valid_method               ? 
_refine.details                                  ? 
_refine.pdbx_starting_model                      ? 
_refine.pdbx_method_to_determine_struct          ? 
_refine.pdbx_isotropic_thermal_model             ? 
_refine.pdbx_stereochemistry_target_values       ? 
_refine.pdbx_stereochem_target_val_spec_case     ? 
_refine.pdbx_R_Free_selection_details            ? 
_refine.pdbx_overall_ESU_R                       ? 
_refine.pdbx_overall_ESU_R_Free                  ? 
_refine.overall_SU_ML                            ? 
_refine.overall_SU_B                             ? 
_refine.pdbx_refine_id                           'X-RAY DIFFRACTION' 
_refine.ls_redundancy_reflns_obs                 ? 
_refine.pdbx_overall_phase_error                 ? 
_refine.B_iso_min                                ? 
_refine.B_iso_max                                ? 
_refine.correlation_coeff_Fo_to_Fc               ? 
_refine.correlation_coeff_Fo_to_Fc_free          ? 
_refine.pdbx_solvent_vdw_probe_radii             ? 
_refine.pdbx_solvent_ion_probe_radii             ? 
_refine.pdbx_solvent_shrinkage_radii             ? 
_refine.overall_SU_R_Cruickshank_DPI             ? 
_refine.overall_SU_R_free                        ? 
_refine.ls_wR_factor_R_free                      ? 
_refine.ls_wR_factor_R_work                      ? 
_refine.overall_FOM_free_R_set                   ? 
_refine.overall_FOM_work_R_set                   ? 
_refine.pdbx_diffrn_id                           1 
_refine.pdbx_TLS_residual_ADP_flag               ? 
_refine.pdbx_overall_SU_R_free_Cruickshank_DPI   ? 
_refine.pdbx_overall_SU_R_Blow_DPI               ? 
_refine.pdbx_overall_SU_R_free_Blow_DPI          ? 
# 
_refine_hist.pdbx_refine_id                   'X-RAY DIFFRACTION' 
_refine_hist.cycle_id                         LAST 
_refine_hist.pdbx_number_atoms_protein        304 
_refine_hist.pdbx_number_atoms_nucleic_acid   0 
_refine_hist.pdbx_number_atoms_ligand         27 
_refine_hist.number_atoms_solvent             0 
_refine_hist.number_atoms_total               331 
_refine_hist.d_res_high                       2.7 
_refine_hist.d_res_low                        . 
# 
loop_
_refine_ls_restr.type 
_refine_ls_restr.dev_ideal 
_refine_ls_restr.dev_ideal_target 
_refine_ls_restr.weight 
_refine_ls_restr.number 
_refine_ls_restr.pdbx_refine_id 
_refine_ls_restr.pdbx_restraint_function 
x_bond_d                0.015 ? ? ? 'X-RAY DIFFRACTION' ? 
x_bond_d_na             ?     ? ? ? 'X-RAY DIFFRACTION' ? 
x_bond_d_prot           ?     ? ? ? 'X-RAY DIFFRACTION' ? 
x_angle_d               ?     ? ? ? 'X-RAY DIFFRACTION' ? 
x_angle_d_na            ?     ? ? ? 'X-RAY DIFFRACTION' ? 
x_angle_d_prot          ?     ? ? ? 'X-RAY DIFFRACTION' ? 
x_angle_deg             3.1   ? ? ? 'X-RAY DIFFRACTION' ? 
x_angle_deg_na          ?     ? ? ? 'X-RAY DIFFRACTION' ? 
x_angle_deg_prot        ?     ? ? ? 'X-RAY DIFFRACTION' ? 
x_dihedral_angle_d      ?     ? ? ? 'X-RAY DIFFRACTION' ? 
x_dihedral_angle_d_na   ?     ? ? ? 'X-RAY DIFFRACTION' ? 
x_dihedral_angle_d_prot ?     ? ? ? 'X-RAY DIFFRACTION' ? 
x_improper_angle_d      ?     ? ? ? 'X-RAY DIFFRACTION' ? 
x_improper_angle_d_na   ?     ? ? ? 'X-RAY DIFFRACTION' ? 
x_improper_angle_d_prot ?     ? ? ? 'X-RAY DIFFRACTION' ? 
x_mcbond_it             ?     ? ? ? 'X-RAY DIFFRACTION' ? 
x_mcangle_it            ?     ? ? ? 'X-RAY DIFFRACTION' ? 
x_scbond_it             ?     ? ? ? 'X-RAY DIFFRACTION' ? 
x_scangle_it            ?     ? ? ? 'X-RAY DIFFRACTION' ? 
# 
_struct.entry_id                  1REA 
_struct.title                     'STRUCTURE OF THE RECA PROTEIN-ADP COMPLEX' 
_struct.pdbx_model_details        ? 
_struct.pdbx_CASP_flag            ? 
_struct.pdbx_model_type_details   ? 
# 
_struct_keywords.entry_id        1REA 
_struct_keywords.pdbx_keywords   'DNA BINDING PROTEIN' 
_struct_keywords.text            'SELF-CLEAVAGE STIMULATION, HOMOLOGOUS RECOMBINATION, DNA BINDING PROTEIN' 
# 
loop_
_struct_asym.id 
_struct_asym.pdbx_blank_PDB_chainid_flag 
_struct_asym.pdbx_modified 
_struct_asym.entity_id 
_struct_asym.details 
A N N 1 ? 
B N N 2 ? 
# 
_struct_ref.id                         1 
_struct_ref.db_name                    UNP 
_struct_ref.db_code                    RECA_ECOLI 
_struct_ref.entity_id                  1 
_struct_ref.pdbx_db_accession          P0A7G6 
_struct_ref.pdbx_align_begin           1 
_struct_ref.pdbx_seq_one_letter_code   
;AIDENKQKALAAALGQIEKQFGKGSIMRLGEDRSMDVETISTGSLSLDIALGAGGLPMGRIVEIYGPESSGKTTLTLQVI
AAAQREGKTCAFIDAEHALDPIYARKLGVDIDNLLCSQPDTGEQALEICDALARSGAVDVIVVDSVAALTPKAEIEGEIG
DSHMGLAARMMSQAMRKLAGNLKQSNTLLIFINQIRMKIGVMFGNPETTTGGNALKFYASVRLDIRRIGAVKEGENVVGS
ETRVKVVKNKIAAPFKQAEFQILYGEGINFYGELVDLGVKEKLIEKAGAWYSYKGEKIGQGKANATAWLKDNPETAKEIE
KKVRELLLSNPNSTPDFSVDDSEGVAETNEDF
;
_struct_ref.pdbx_db_isoform            ? 
# 
_struct_ref_seq.align_id                      1 
_struct_ref_seq.ref_id                        1 
_struct_ref_seq.pdbx_PDB_id_code              1REA 
_struct_ref_seq.pdbx_strand_id                A 
_struct_ref_seq.seq_align_beg                 1 
_struct_ref_seq.pdbx_seq_align_beg_ins_code   ? 
_struct_ref_seq.seq_align_end                 352 
_struct_ref_seq.pdbx_seq_align_end_ins_code   ? 
_struct_ref_seq.pdbx_db_accession             P0A7G6 
_struct_ref_seq.db_align_beg                  1 
_struct_ref_seq.pdbx_db_align_beg_ins_code    ? 
_struct_ref_seq.db_align_end                  352 
_struct_ref_seq.pdbx_db_align_end_ins_code    ? 
_struct_ref_seq.pdbx_auth_seq_align_beg       1 
_struct_ref_seq.pdbx_auth_seq_align_end       352 
# 
_pdbx_struct_assembly.id                   1 
_pdbx_struct_assembly.details              author_defined_assembly 
_pdbx_struct_assembly.method_details       ? 
_pdbx_struct_assembly.oligomeric_details   monomeric 
_pdbx_struct_assembly.oligomeric_count     1 
# 
_pdbx_struct_assembly_gen.assembly_id       1 
_pdbx_struct_assembly_gen.oper_expression   1 
_pdbx_struct_assembly_gen.asym_id_list      A,B 
# 
_pdbx_struct_oper_list.id                   1 
_pdbx_struct_oper_list.type                 'identity operation' 
_pdbx_struct_oper_list.name                 1_555 
_pdbx_struct_oper_list.symmetry_operation   x,y,z 
_pdbx_struct_oper_list.matrix[1][1]         1.0000000000 
_pdbx_struct_oper_list.matrix[1][2]         0.0000000000 
_pdbx_struct_oper_list.matrix[1][3]         0.0000000000 
_pdbx_struct_oper_list.vector[1]            0.0000000000 
_pdbx_struct_oper_list.matrix[2][1]         0.0000000000 
_pdbx_struct_oper_list.matrix[2][2]         1.0000000000 
_pdbx_struct_oper_list.matrix[2][3]         0.0000000000 
_pdbx_struct_oper_list.vector[2]            0.0000000000 
_pdbx_struct_oper_list.matrix[3][1]         0.0000000000 
_pdbx_struct_oper_list.matrix[3][2]         0.0000000000 
_pdbx_struct_oper_list.matrix[3][3]         1.0000000000 
_pdbx_struct_oper_list.vector[3]            0.0000000000 
# 
_struct_biol.id        1 
_struct_biol.details   ? 
# 
_struct_site.id                   AC1 
_struct_site.pdbx_evidence_code   Software 
_struct_site.pdbx_auth_asym_id    A 
_struct_site.pdbx_auth_comp_id    ADP 
_struct_site.pdbx_auth_seq_id     500 
_struct_site.pdbx_auth_ins_code   ? 
_struct_site.pdbx_num_residues    4 
_struct_site.details              'BINDING SITE FOR RESIDUE ADP A 500' 
# 
loop_
_struct_site_gen.id 
_struct_site_gen.site_id 
_struct_site_gen.pdbx_num_res 
_struct_site_gen.label_comp_id 
_struct_site_gen.label_asym_id 
_struct_site_gen.label_seq_id 
_struct_site_gen.pdbx_auth_ins_code 
_struct_site_gen.auth_comp_id 
_struct_site_gen.auth_asym_id 
_struct_site_gen.auth_seq_id 
_struct_site_gen.label_atom_id 
_struct_site_gen.label_alt_id 
_struct_site_gen.symmetry 
_struct_site_gen.details 
1 AC1 4 SER A 69  ? SER A 69  . ? 1_555 ? 
2 AC1 4 GLY A 71  ? GLY A 71  . ? 1_555 ? 
3 AC1 4 THR A 73  ? THR A 73  . ? 1_555 ? 
4 AC1 4 TYR A 264 ? TYR A 264 . ? 1_555 ? 
# 
loop_
_pdbx_unobs_or_zero_occ_residues.id 
_pdbx_unobs_or_zero_occ_residues.PDB_model_num 
_pdbx_unobs_or_zero_occ_residues.polymer_flag 
_pdbx_unobs_or_zero_occ_residues.occupancy_flag 
_pdbx_unobs_or_zero_occ_residues.auth_asym_id 
_pdbx_unobs_or_zero_occ_residues.auth_comp_id 
_pdbx_unobs_or_zero_occ_residues.auth_seq_id 
_pdbx_unobs_or_zero_occ_residues.PDB_ins_code 
_pdbx_unobs_or_zero_occ_residues.label_asym_id 
_pdbx_unobs_or_zero_occ_residues.label_comp_id 
_pdbx_unobs_or_zero_occ_residues.label_seq_id 
1  1 Y 1 A ALA 1   ? A ALA 1   
2  1 Y 1 A ILE 2   ? A ILE 2   
3  1 Y 1 A GLY 157 ? A GLY 157 
4  1 Y 1 A GLU 158 ? A GLU 158 
5  1 Y 1 A ILE 159 ? A ILE 159 
6  1 Y 1 A GLY 160 ? A GLY 160 
7  1 Y 1 A ASP 161 ? A ASP 161 
8  1 Y 1 A SER 162 ? A SER 162 
9  1 Y 1 A HIS 163 ? A HIS 163 
10 1 Y 1 A MET 164 ? A MET 164 
11 1 Y 1 A ARG 196 ? A ARG 196 
12 1 Y 1 A MET 197 ? A MET 197 
13 1 Y 1 A LYS 198 ? A LYS 198 
14 1 Y 1 A ILE 199 ? A ILE 199 
15 1 Y 1 A GLY 200 ? A GLY 200 
16 1 Y 1 A VAL 201 ? A VAL 201 
17 1 Y 1 A MET 202 ? A MET 202 
18 1 Y 1 A PHE 203 ? A PHE 203 
19 1 Y 1 A GLY 204 ? A GLY 204 
20 1 Y 1 A ASN 205 ? A ASN 205 
21 1 Y 1 A PRO 206 ? A PRO 206 
22 1 Y 1 A GLU 207 ? A GLU 207 
23 1 Y 1 A THR 208 ? A THR 208 
24 1 Y 1 A THR 209 ? A THR 209 
25 1 Y 1 A SER 329 ? A SER 329 
26 1 Y 1 A ASN 330 ? A ASN 330 
27 1 Y 1 A PRO 331 ? A PRO 331 
28 1 Y 1 A ASN 332 ? A ASN 332 
29 1 Y 1 A SER 333 ? A SER 333 
30 1 Y 1 A THR 334 ? A THR 334 
31 1 Y 1 A PRO 335 ? A PRO 335 
32 1 Y 1 A ASP 336 ? A ASP 336 
33 1 Y 1 A PHE 337 ? A PHE 337 
34 1 Y 1 A SER 338 ? A SER 338 
35 1 Y 1 A VAL 339 ? A VAL 339 
36 1 Y 1 A ASP 340 ? A ASP 340 
37 1 Y 1 A ASP 341 ? A ASP 341 
38 1 Y 1 A SER 342 ? A SER 342 
39 1 Y 1 A GLU 343 ? A GLU 343 
40 1 Y 1 A GLY 344 ? A GLY 344 
41 1 Y 1 A VAL 345 ? A VAL 345 
42 1 Y 1 A ALA 346 ? A ALA 346 
43 1 Y 1 A GLU 347 ? A GLU 347 
44 1 Y 1 A THR 348 ? A THR 348 
45 1 Y 1 A ASN 349 ? A ASN 349 
46 1 Y 1 A GLU 350 ? A GLU 350 
47 1 Y 1 A ASP 351 ? A ASP 351 
48 1 Y 1 A PHE 352 ? A PHE 352 
# 
loop_
_chem_comp_atom.comp_id 
_chem_comp_atom.atom_id 
_chem_comp_atom.type_symbol 
_chem_comp_atom.pdbx_aromatic_flag 
_chem_comp_atom.pdbx_stereo_config 
_chem_comp_atom.pdbx_ordinal 
ADP PB     P N N 1   
ADP O1B    O N N 2   
ADP O2B    O N N 3   
ADP O3B    O N N 4   
ADP PA     P N S 5   
ADP O1A    O N N 6   
ADP O2A    O N N 7   
ADP O3A    O N N 8   
ADP "O5'"  O N N 9   
ADP "C5'"  C N N 10  
ADP "C4'"  C N R 11  
ADP "O4'"  O N N 12  
ADP "C3'"  C N S 13  
ADP "O3'"  O N N 14  
ADP "C2'"  C N R 15  
ADP "O2'"  O N N 16  
ADP "C1'"  C N R 17  
ADP N9     N Y N 18  
ADP C8     C Y N 19  
ADP N7     N Y N 20  
ADP C5     C Y N 21  
ADP C6     C Y N 22  
ADP N6     N N N 23  
ADP N1     N Y N 24  
ADP C2     C Y N 25  
ADP N3     N Y N 26  
ADP C4     C Y N 27  
ADP HOB2   H N N 28  
ADP HOB3   H N N 29  
ADP HOA2   H N N 30  
ADP "H5'1" H N N 31  
ADP "H5'2" H N N 32  
ADP "H4'"  H N N 33  
ADP "H3'"  H N N 34  
ADP "HO3'" H N N 35  
ADP "H2'"  H N N 36  
ADP "HO2'" H N N 37  
ADP "H1'"  H N N 38  
ADP H8     H N N 39  
ADP HN61   H N N 40  
ADP HN62   H N N 41  
ADP H2     H N N 42  
ALA N      N N N 43  
ALA CA     C N S 44  
ALA C      C N N 45  
ALA O      O N N 46  
ALA CB     C N N 47  
ALA OXT    O N N 48  
ALA H      H N N 49  
ALA H2     H N N 50  
ALA HA     H N N 51  
ALA HB1    H N N 52  
ALA HB2    H N N 53  
ALA HB3    H N N 54  
ALA HXT    H N N 55  
ARG N      N N N 56  
ARG CA     C N S 57  
ARG C      C N N 58  
ARG O      O N N 59  
ARG CB     C N N 60  
ARG CG     C N N 61  
ARG CD     C N N 62  
ARG NE     N N N 63  
ARG CZ     C N N 64  
ARG NH1    N N N 65  
ARG NH2    N N N 66  
ARG OXT    O N N 67  
ARG H      H N N 68  
ARG H2     H N N 69  
ARG HA     H N N 70  
ARG HB2    H N N 71  
ARG HB3    H N N 72  
ARG HG2    H N N 73  
ARG HG3    H N N 74  
ARG HD2    H N N 75  
ARG HD3    H N N 76  
ARG HE     H N N 77  
ARG HH11   H N N 78  
ARG HH12   H N N 79  
ARG HH21   H N N 80  
ARG HH22   H N N 81  
ARG HXT    H N N 82  
ASN N      N N N 83  
ASN CA     C N S 84  
ASN C      C N N 85  
ASN O      O N N 86  
ASN CB     C N N 87  
ASN CG     C N N 88  
ASN OD1    O N N 89  
ASN ND2    N N N 90  
ASN OXT    O N N 91  
ASN H      H N N 92  
ASN H2     H N N 93  
ASN HA     H N N 94  
ASN HB2    H N N 95  
ASN HB3    H N N 96  
ASN HD21   H N N 97  
ASN HD22   H N N 98  
ASN HXT    H N N 99  
ASP N      N N N 100 
ASP CA     C N S 101 
ASP C      C N N 102 
ASP O      O N N 103 
ASP CB     C N N 104 
ASP CG     C N N 105 
ASP OD1    O N N 106 
ASP OD2    O N N 107 
ASP OXT    O N N 108 
ASP H      H N N 109 
ASP H2     H N N 110 
ASP HA     H N N 111 
ASP HB2    H N N 112 
ASP HB3    H N N 113 
ASP HD2    H N N 114 
ASP HXT    H N N 115 
CYS N      N N N 116 
CYS CA     C N R 117 
CYS C      C N N 118 
CYS O      O N N 119 
CYS CB     C N N 120 
CYS SG     S N N 121 
CYS OXT    O N N 122 
CYS H      H N N 123 
CYS H2     H N N 124 
CYS HA     H N N 125 
CYS HB2    H N N 126 
CYS HB3    H N N 127 
CYS HG     H N N 128 
CYS HXT    H N N 129 
GLN N      N N N 130 
GLN CA     C N S 131 
GLN C      C N N 132 
GLN O      O N N 133 
GLN CB     C N N 134 
GLN CG     C N N 135 
GLN CD     C N N 136 
GLN OE1    O N N 137 
GLN NE2    N N N 138 
GLN OXT    O N N 139 
GLN H      H N N 140 
GLN H2     H N N 141 
GLN HA     H N N 142 
GLN HB2    H N N 143 
GLN HB3    H N N 144 
GLN HG2    H N N 145 
GLN HG3    H N N 146 
GLN HE21   H N N 147 
GLN HE22   H N N 148 
GLN HXT    H N N 149 
GLU N      N N N 150 
GLU CA     C N S 151 
GLU C      C N N 152 
GLU O      O N N 153 
GLU CB     C N N 154 
GLU CG     C N N 155 
GLU CD     C N N 156 
GLU OE1    O N N 157 
GLU OE2    O N N 158 
GLU OXT    O N N 159 
GLU H      H N N 160 
GLU H2     H N N 161 
GLU HA     H N N 162 
GLU HB2    H N N 163 
GLU HB3    H N N 164 
GLU HG2    H N N 165 
GLU HG3    H N N 166 
GLU HE2    H N N 167 
GLU HXT    H N N 168 
GLY N      N N N 169 
GLY CA     C N N 170 
GLY C      C N N 171 
GLY O      O N N 172 
GLY OXT    O N N 173 
GLY H      H N N 174 
GLY H2     H N N 175 
GLY HA2    H N N 176 
GLY HA3    H N N 177 
GLY HXT    H N N 178 
HIS N      N N N 179 
HIS CA     C N S 180 
HIS C      C N N 181 
HIS O      O N N 182 
HIS CB     C N N 183 
HIS CG     C Y N 184 
HIS ND1    N Y N 185 
HIS CD2    C Y N 186 
HIS CE1    C Y N 187 
HIS NE2    N Y N 188 
HIS OXT    O N N 189 
HIS H      H N N 190 
HIS H2     H N N 191 
HIS HA     H N N 192 
HIS HB2    H N N 193 
HIS HB3    H N N 194 
HIS HD1    H N N 195 
HIS HD2    H N N 196 
HIS HE1    H N N 197 
HIS HE2    H N N 198 
HIS HXT    H N N 199 
ILE N      N N N 200 
ILE CA     C N S 201 
ILE C      C N N 202 
ILE O      O N N 203 
ILE CB     C N S 204 
ILE CG1    C N N 205 
ILE CG2    C N N 206 
ILE CD1    C N N 207 
ILE OXT    O N N 208 
ILE H      H N N 209 
ILE H2     H N N 210 
ILE HA     H N N 211 
ILE HB     H N N 212 
ILE HG12   H N N 213 
ILE HG13   H N N 214 
ILE HG21   H N N 215 
ILE HG22   H N N 216 
ILE HG23   H N N 217 
ILE HD11   H N N 218 
ILE HD12   H N N 219 
ILE HD13   H N N 220 
ILE HXT    H N N 221 
LEU N      N N N 222 
LEU CA     C N S 223 
LEU C      C N N 224 
LEU O      O N N 225 
LEU CB     C N N 226 
LEU CG     C N N 227 
LEU CD1    C N N 228 
LEU CD2    C N N 229 
LEU OXT    O N N 230 
LEU H      H N N 231 
LEU H2     H N N 232 
LEU HA     H N N 233 
LEU HB2    H N N 234 
LEU HB3    H N N 235 
LEU HG     H N N 236 
LEU HD11   H N N 237 
LEU HD12   H N N 238 
LEU HD13   H N N 239 
LEU HD21   H N N 240 
LEU HD22   H N N 241 
LEU HD23   H N N 242 
LEU HXT    H N N 243 
LYS N      N N N 244 
LYS CA     C N S 245 
LYS C      C N N 246 
LYS O      O N N 247 
LYS CB     C N N 248 
LYS CG     C N N 249 
LYS CD     C N N 250 
LYS CE     C N N 251 
LYS NZ     N N N 252 
LYS OXT    O N N 253 
LYS H      H N N 254 
LYS H2     H N N 255 
LYS HA     H N N 256 
LYS HB2    H N N 257 
LYS HB3    H N N 258 
LYS HG2    H N N 259 
LYS HG3    H N N 260 
LYS HD2    H N N 261 
LYS HD3    H N N 262 
LYS HE2    H N N 263 
LYS HE3    H N N 264 
LYS HZ1    H N N 265 
LYS HZ2    H N N 266 
LYS HZ3    H N N 267 
LYS HXT    H N N 268 
MET N      N N N 269 
MET CA     C N S 270 
MET C      C N N 271 
MET O      O N N 272 
MET CB     C N N 273 
MET CG     C N N 274 
MET SD     S N N 275 
MET CE     C N N 276 
MET OXT    O N N 277 
MET H      H N N 278 
MET H2     H N N 279 
MET HA     H N N 280 
MET HB2    H N N 281 
MET HB3    H N N 282 
MET HG2    H N N 283 
MET HG3    H N N 284 
MET HE1    H N N 285 
MET HE2    H N N 286 
MET HE3    H N N 287 
MET HXT    H N N 288 
PHE N      N N N 289 
PHE CA     C N S 290 
PHE C      C N N 291 
PHE O      O N N 292 
PHE CB     C N N 293 
PHE CG     C Y N 294 
PHE CD1    C Y N 295 
PHE CD2    C Y N 296 
PHE CE1    C Y N 297 
PHE CE2    C Y N 298 
PHE CZ     C Y N 299 
PHE OXT    O N N 300 
PHE H      H N N 301 
PHE H2     H N N 302 
PHE HA     H N N 303 
PHE HB2    H N N 304 
PHE HB3    H N N 305 
PHE HD1    H N N 306 
PHE HD2    H N N 307 
PHE HE1    H N N 308 
PHE HE2    H N N 309 
PHE HZ     H N N 310 
PHE HXT    H N N 311 
PRO N      N N N 312 
PRO CA     C N S 313 
PRO C      C N N 314 
PRO O      O N N 315 
PRO CB     C N N 316 
PRO CG     C N N 317 
PRO CD     C N N 318 
PRO OXT    O N N 319 
PRO H      H N N 320 
PRO HA     H N N 321 
PRO HB2    H N N 322 
PRO HB3    H N N 323 
PRO HG2    H N N 324 
PRO HG3    H N N 325 
PRO HD2    H N N 326 
PRO HD3    H N N 327 
PRO HXT    H N N 328 
SER N      N N N 329 
SER CA     C N S 330 
SER C      C N N 331 
SER O      O N N 332 
SER CB     C N N 333 
SER OG     O N N 334 
SER OXT    O N N 335 
SER H      H N N 336 
SER H2     H N N 337 
SER HA     H N N 338 
SER HB2    H N N 339 
SER HB3    H N N 340 
SER HG     H N N 341 
SER HXT    H N N 342 
THR N      N N N 343 
THR CA     C N S 344 
THR C      C N N 345 
THR O      O N N 346 
THR CB     C N R 347 
THR OG1    O N N 348 
THR CG2    C N N 349 
THR OXT    O N N 350 
THR H      H N N 351 
THR H2     H N N 352 
THR HA     H N N 353 
THR HB     H N N 354 
THR HG1    H N N 355 
THR HG21   H N N 356 
THR HG22   H N N 357 
THR HG23   H N N 358 
THR HXT    H N N 359 
TRP N      N N N 360 
TRP CA     C N S 361 
TRP C      C N N 362 
TRP O      O N N 363 
TRP CB     C N N 364 
TRP CG     C Y N 365 
TRP CD1    C Y N 366 
TRP CD2    C Y N 367 
TRP NE1    N Y N 368 
TRP CE2    C Y N 369 
TRP CE3    C Y N 370 
TRP CZ2    C Y N 371 
TRP CZ3    C Y N 372 
TRP CH2    C Y N 373 
TRP OXT    O N N 374 
TRP H      H N N 375 
TRP H2     H N N 376 
TRP HA     H N N 377 
TRP HB2    H N N 378 
TRP HB3    H N N 379 
TRP HD1    H N N 380 
TRP HE1    H N N 381 
TRP HE3    H N N 382 
TRP HZ2    H N N 383 
TRP HZ3    H N N 384 
TRP HH2    H N N 385 
TRP HXT    H N N 386 
TYR N      N N N 387 
TYR CA     C N S 388 
TYR C      C N N 389 
TYR O      O N N 390 
TYR CB     C N N 391 
TYR CG     C Y N 392 
TYR CD1    C Y N 393 
TYR CD2    C Y N 394 
TYR CE1    C Y N 395 
TYR CE2    C Y N 396 
TYR CZ     C Y N 397 
TYR OH     O N N 398 
TYR OXT    O N N 399 
TYR H      H N N 400 
TYR H2     H N N 401 
TYR HA     H N N 402 
TYR HB2    H N N 403 
TYR HB3    H N N 404 
TYR HD1    H N N 405 
TYR HD2    H N N 406 
TYR HE1    H N N 407 
TYR HE2    H N N 408 
TYR HH     H N N 409 
TYR HXT    H N N 410 
VAL N      N N N 411 
VAL CA     C N S 412 
VAL C      C N N 413 
VAL O      O N N 414 
VAL CB     C N N 415 
VAL CG1    C N N 416 
VAL CG2    C N N 417 
VAL OXT    O N N 418 
VAL H      H N N 419 
VAL H2     H N N 420 
VAL HA     H N N 421 
VAL HB     H N N 422 
VAL HG11   H N N 423 
VAL HG12   H N N 424 
VAL HG13   H N N 425 
VAL HG21   H N N 426 
VAL HG22   H N N 427 
VAL HG23   H N N 428 
VAL HXT    H N N 429 
# 
loop_
_chem_comp_bond.comp_id 
_chem_comp_bond.atom_id_1 
_chem_comp_bond.atom_id_2 
_chem_comp_bond.value_order 
_chem_comp_bond.pdbx_aromatic_flag 
_chem_comp_bond.pdbx_stereo_config 
_chem_comp_bond.pdbx_ordinal 
ADP PB    O1B    doub N N 1   
ADP PB    O2B    sing N N 2   
ADP PB    O3B    sing N N 3   
ADP PB    O3A    sing N N 4   
ADP O2B   HOB2   sing N N 5   
ADP O3B   HOB3   sing N N 6   
ADP PA    O1A    doub N N 7   
ADP PA    O2A    sing N N 8   
ADP PA    O3A    sing N N 9   
ADP PA    "O5'"  sing N N 10  
ADP O2A   HOA2   sing N N 11  
ADP "O5'" "C5'"  sing N N 12  
ADP "C5'" "C4'"  sing N N 13  
ADP "C5'" "H5'1" sing N N 14  
ADP "C5'" "H5'2" sing N N 15  
ADP "C4'" "O4'"  sing N N 16  
ADP "C4'" "C3'"  sing N N 17  
ADP "C4'" "H4'"  sing N N 18  
ADP "O4'" "C1'"  sing N N 19  
ADP "C3'" "O3'"  sing N N 20  
ADP "C3'" "C2'"  sing N N 21  
ADP "C3'" "H3'"  sing N N 22  
ADP "O3'" "HO3'" sing N N 23  
ADP "C2'" "O2'"  sing N N 24  
ADP "C2'" "C1'"  sing N N 25  
ADP "C2'" "H2'"  sing N N 26  
ADP "O2'" "HO2'" sing N N 27  
ADP "C1'" N9     sing N N 28  
ADP "C1'" "H1'"  sing N N 29  
ADP N9    C8     sing Y N 30  
ADP N9    C4     sing Y N 31  
ADP C8    N7     doub Y N 32  
ADP C8    H8     sing N N 33  
ADP N7    C5     sing Y N 34  
ADP C5    C6     sing Y N 35  
ADP C5    C4     doub Y N 36  
ADP C6    N6     sing N N 37  
ADP C6    N1     doub Y N 38  
ADP N6    HN61   sing N N 39  
ADP N6    HN62   sing N N 40  
ADP N1    C2     sing Y N 41  
ADP C2    N3     doub Y N 42  
ADP C2    H2     sing N N 43  
ADP N3    C4     sing Y N 44  
ALA N     CA     sing N N 45  
ALA N     H      sing N N 46  
ALA N     H2     sing N N 47  
ALA CA    C      sing N N 48  
ALA CA    CB     sing N N 49  
ALA CA    HA     sing N N 50  
ALA C     O      doub N N 51  
ALA C     OXT    sing N N 52  
ALA CB    HB1    sing N N 53  
ALA CB    HB2    sing N N 54  
ALA CB    HB3    sing N N 55  
ALA OXT   HXT    sing N N 56  
ARG N     CA     sing N N 57  
ARG N     H      sing N N 58  
ARG N     H2     sing N N 59  
ARG CA    C      sing N N 60  
ARG CA    CB     sing N N 61  
ARG CA    HA     sing N N 62  
ARG C     O      doub N N 63  
ARG C     OXT    sing N N 64  
ARG CB    CG     sing N N 65  
ARG CB    HB2    sing N N 66  
ARG CB    HB3    sing N N 67  
ARG CG    CD     sing N N 68  
ARG CG    HG2    sing N N 69  
ARG CG    HG3    sing N N 70  
ARG CD    NE     sing N N 71  
ARG CD    HD2    sing N N 72  
ARG CD    HD3    sing N N 73  
ARG NE    CZ     sing N N 74  
ARG NE    HE     sing N N 75  
ARG CZ    NH1    sing N N 76  
ARG CZ    NH2    doub N N 77  
ARG NH1   HH11   sing N N 78  
ARG NH1   HH12   sing N N 79  
ARG NH2   HH21   sing N N 80  
ARG NH2   HH22   sing N N 81  
ARG OXT   HXT    sing N N 82  
ASN N     CA     sing N N 83  
ASN N     H      sing N N 84  
ASN N     H2     sing N N 85  
ASN CA    C      sing N N 86  
ASN CA    CB     sing N N 87  
ASN CA    HA     sing N N 88  
ASN C     O      doub N N 89  
ASN C     OXT    sing N N 90  
ASN CB    CG     sing N N 91  
ASN CB    HB2    sing N N 92  
ASN CB    HB3    sing N N 93  
ASN CG    OD1    doub N N 94  
ASN CG    ND2    sing N N 95  
ASN ND2   HD21   sing N N 96  
ASN ND2   HD22   sing N N 97  
ASN OXT   HXT    sing N N 98  
ASP N     CA     sing N N 99  
ASP N     H      sing N N 100 
ASP N     H2     sing N N 101 
ASP CA    C      sing N N 102 
ASP CA    CB     sing N N 103 
ASP CA    HA     sing N N 104 
ASP C     O      doub N N 105 
ASP C     OXT    sing N N 106 
ASP CB    CG     sing N N 107 
ASP CB    HB2    sing N N 108 
ASP CB    HB3    sing N N 109 
ASP CG    OD1    doub N N 110 
ASP CG    OD2    sing N N 111 
ASP OD2   HD2    sing N N 112 
ASP OXT   HXT    sing N N 113 
CYS N     CA     sing N N 114 
CYS N     H      sing N N 115 
CYS N     H2     sing N N 116 
CYS CA    C      sing N N 117 
CYS CA    CB     sing N N 118 
CYS CA    HA     sing N N 119 
CYS C     O      doub N N 120 
CYS C     OXT    sing N N 121 
CYS CB    SG     sing N N 122 
CYS CB    HB2    sing N N 123 
CYS CB    HB3    sing N N 124 
CYS SG    HG     sing N N 125 
CYS OXT   HXT    sing N N 126 
GLN N     CA     sing N N 127 
GLN N     H      sing N N 128 
GLN N     H2     sing N N 129 
GLN CA    C      sing N N 130 
GLN CA    CB     sing N N 131 
GLN CA    HA     sing N N 132 
GLN C     O      doub N N 133 
GLN C     OXT    sing N N 134 
GLN CB    CG     sing N N 135 
GLN CB    HB2    sing N N 136 
GLN CB    HB3    sing N N 137 
GLN CG    CD     sing N N 138 
GLN CG    HG2    sing N N 139 
GLN CG    HG3    sing N N 140 
GLN CD    OE1    doub N N 141 
GLN CD    NE2    sing N N 142 
GLN NE2   HE21   sing N N 143 
GLN NE2   HE22   sing N N 144 
GLN OXT   HXT    sing N N 145 
GLU N     CA     sing N N 146 
GLU N     H      sing N N 147 
GLU N     H2     sing N N 148 
GLU CA    C      sing N N 149 
GLU CA    CB     sing N N 150 
GLU CA    HA     sing N N 151 
GLU C     O      doub N N 152 
GLU C     OXT    sing N N 153 
GLU CB    CG     sing N N 154 
GLU CB    HB2    sing N N 155 
GLU CB    HB3    sing N N 156 
GLU CG    CD     sing N N 157 
GLU CG    HG2    sing N N 158 
GLU CG    HG3    sing N N 159 
GLU CD    OE1    doub N N 160 
GLU CD    OE2    sing N N 161 
GLU OE2   HE2    sing N N 162 
GLU OXT   HXT    sing N N 163 
GLY N     CA     sing N N 164 
GLY N     H      sing N N 165 
GLY N     H2     sing N N 166 
GLY CA    C      sing N N 167 
GLY CA    HA2    sing N N 168 
GLY CA    HA3    sing N N 169 
GLY C     O      doub N N 170 
GLY C     OXT    sing N N 171 
GLY OXT   HXT    sing N N 172 
HIS N     CA     sing N N 173 
HIS N     H      sing N N 174 
HIS N     H2     sing N N 175 
HIS CA    C      sing N N 176 
HIS CA    CB     sing N N 177 
HIS CA    HA     sing N N 178 
HIS C     O      doub N N 179 
HIS C     OXT    sing N N 180 
HIS CB    CG     sing N N 181 
HIS CB    HB2    sing N N 182 
HIS CB    HB3    sing N N 183 
HIS CG    ND1    sing Y N 184 
HIS CG    CD2    doub Y N 185 
HIS ND1   CE1    doub Y N 186 
HIS ND1   HD1    sing N N 187 
HIS CD2   NE2    sing Y N 188 
HIS CD2   HD2    sing N N 189 
HIS CE1   NE2    sing Y N 190 
HIS CE1   HE1    sing N N 191 
HIS NE2   HE2    sing N N 192 
HIS OXT   HXT    sing N N 193 
ILE N     CA     sing N N 194 
ILE N     H      sing N N 195 
ILE N     H2     sing N N 196 
ILE CA    C      sing N N 197 
ILE CA    CB     sing N N 198 
ILE CA    HA     sing N N 199 
ILE C     O      doub N N 200 
ILE C     OXT    sing N N 201 
ILE CB    CG1    sing N N 202 
ILE CB    CG2    sing N N 203 
ILE CB    HB     sing N N 204 
ILE CG1   CD1    sing N N 205 
ILE CG1   HG12   sing N N 206 
ILE CG1   HG13   sing N N 207 
ILE CG2   HG21   sing N N 208 
ILE CG2   HG22   sing N N 209 
ILE CG2   HG23   sing N N 210 
ILE CD1   HD11   sing N N 211 
ILE CD1   HD12   sing N N 212 
ILE CD1   HD13   sing N N 213 
ILE OXT   HXT    sing N N 214 
LEU N     CA     sing N N 215 
LEU N     H      sing N N 216 
LEU N     H2     sing N N 217 
LEU CA    C      sing N N 218 
LEU CA    CB     sing N N 219 
LEU CA    HA     sing N N 220 
LEU C     O      doub N N 221 
LEU C     OXT    sing N N 222 
LEU CB    CG     sing N N 223 
LEU CB    HB2    sing N N 224 
LEU CB    HB3    sing N N 225 
LEU CG    CD1    sing N N 226 
LEU CG    CD2    sing N N 227 
LEU CG    HG     sing N N 228 
LEU CD1   HD11   sing N N 229 
LEU CD1   HD12   sing N N 230 
LEU CD1   HD13   sing N N 231 
LEU CD2   HD21   sing N N 232 
LEU CD2   HD22   sing N N 233 
LEU CD2   HD23   sing N N 234 
LEU OXT   HXT    sing N N 235 
LYS N     CA     sing N N 236 
LYS N     H      sing N N 237 
LYS N     H2     sing N N 238 
LYS CA    C      sing N N 239 
LYS CA    CB     sing N N 240 
LYS CA    HA     sing N N 241 
LYS C     O      doub N N 242 
LYS C     OXT    sing N N 243 
LYS CB    CG     sing N N 244 
LYS CB    HB2    sing N N 245 
LYS CB    HB3    sing N N 246 
LYS CG    CD     sing N N 247 
LYS CG    HG2    sing N N 248 
LYS CG    HG3    sing N N 249 
LYS CD    CE     sing N N 250 
LYS CD    HD2    sing N N 251 
LYS CD    HD3    sing N N 252 
LYS CE    NZ     sing N N 253 
LYS CE    HE2    sing N N 254 
LYS CE    HE3    sing N N 255 
LYS NZ    HZ1    sing N N 256 
LYS NZ    HZ2    sing N N 257 
LYS NZ    HZ3    sing N N 258 
LYS OXT   HXT    sing N N 259 
MET N     CA     sing N N 260 
MET N     H      sing N N 261 
MET N     H2     sing N N 262 
MET CA    C      sing N N 263 
MET CA    CB     sing N N 264 
MET CA    HA     sing N N 265 
MET C     O      doub N N 266 
MET C     OXT    sing N N 267 
MET CB    CG     sing N N 268 
MET CB    HB2    sing N N 269 
MET CB    HB3    sing N N 270 
MET CG    SD     sing N N 271 
MET CG    HG2    sing N N 272 
MET CG    HG3    sing N N 273 
MET SD    CE     sing N N 274 
MET CE    HE1    sing N N 275 
MET CE    HE2    sing N N 276 
MET CE    HE3    sing N N 277 
MET OXT   HXT    sing N N 278 
PHE N     CA     sing N N 279 
PHE N     H      sing N N 280 
PHE N     H2     sing N N 281 
PHE CA    C      sing N N 282 
PHE CA    CB     sing N N 283 
PHE CA    HA     sing N N 284 
PHE C     O      doub N N 285 
PHE C     OXT    sing N N 286 
PHE CB    CG     sing N N 287 
PHE CB    HB2    sing N N 288 
PHE CB    HB3    sing N N 289 
PHE CG    CD1    doub Y N 290 
PHE CG    CD2    sing Y N 291 
PHE CD1   CE1    sing Y N 292 
PHE CD1   HD1    sing N N 293 
PHE CD2   CE2    doub Y N 294 
PHE CD2   HD2    sing N N 295 
PHE CE1   CZ     doub Y N 296 
PHE CE1   HE1    sing N N 297 
PHE CE2   CZ     sing Y N 298 
PHE CE2   HE2    sing N N 299 
PHE CZ    HZ     sing N N 300 
PHE OXT   HXT    sing N N 301 
PRO N     CA     sing N N 302 
PRO N     CD     sing N N 303 
PRO N     H      sing N N 304 
PRO CA    C      sing N N 305 
PRO CA    CB     sing N N 306 
PRO CA    HA     sing N N 307 
PRO C     O      doub N N 308 
PRO C     OXT    sing N N 309 
PRO CB    CG     sing N N 310 
PRO CB    HB2    sing N N 311 
PRO CB    HB3    sing N N 312 
PRO CG    CD     sing N N 313 
PRO CG    HG2    sing N N 314 
PRO CG    HG3    sing N N 315 
PRO CD    HD2    sing N N 316 
PRO CD    HD3    sing N N 317 
PRO OXT   HXT    sing N N 318 
SER N     CA     sing N N 319 
SER N     H      sing N N 320 
SER N     H2     sing N N 321 
SER CA    C      sing N N 322 
SER CA    CB     sing N N 323 
SER CA    HA     sing N N 324 
SER C     O      doub N N 325 
SER C     OXT    sing N N 326 
SER CB    OG     sing N N 327 
SER CB    HB2    sing N N 328 
SER CB    HB3    sing N N 329 
SER OG    HG     sing N N 330 
SER OXT   HXT    sing N N 331 
THR N     CA     sing N N 332 
THR N     H      sing N N 333 
THR N     H2     sing N N 334 
THR CA    C      sing N N 335 
THR CA    CB     sing N N 336 
THR CA    HA     sing N N 337 
THR C     O      doub N N 338 
THR C     OXT    sing N N 339 
THR CB    OG1    sing N N 340 
THR CB    CG2    sing N N 341 
THR CB    HB     sing N N 342 
THR OG1   HG1    sing N N 343 
THR CG2   HG21   sing N N 344 
THR CG2   HG22   sing N N 345 
THR CG2   HG23   sing N N 346 
THR OXT   HXT    sing N N 347 
TRP N     CA     sing N N 348 
TRP N     H      sing N N 349 
TRP N     H2     sing N N 350 
TRP CA    C      sing N N 351 
TRP CA    CB     sing N N 352 
TRP CA    HA     sing N N 353 
TRP C     O      doub N N 354 
TRP C     OXT    sing N N 355 
TRP CB    CG     sing N N 356 
TRP CB    HB2    sing N N 357 
TRP CB    HB3    sing N N 358 
TRP CG    CD1    doub Y N 359 
TRP CG    CD2    sing Y N 360 
TRP CD1   NE1    sing Y N 361 
TRP CD1   HD1    sing N N 362 
TRP CD2   CE2    doub Y N 363 
TRP CD2   CE3    sing Y N 364 
TRP NE1   CE2    sing Y N 365 
TRP NE1   HE1    sing N N 366 
TRP CE2   CZ2    sing Y N 367 
TRP CE3   CZ3    doub Y N 368 
TRP CE3   HE3    sing N N 369 
TRP CZ2   CH2    doub Y N 370 
TRP CZ2   HZ2    sing N N 371 
TRP CZ3   CH2    sing Y N 372 
TRP CZ3   HZ3    sing N N 373 
TRP CH2   HH2    sing N N 374 
TRP OXT   HXT    sing N N 375 
TYR N     CA     sing N N 376 
TYR N     H      sing N N 377 
TYR N     H2     sing N N 378 
TYR CA    C      sing N N 379 
TYR CA    CB     sing N N 380 
TYR CA    HA     sing N N 381 
TYR C     O      doub N N 382 
TYR C     OXT    sing N N 383 
TYR CB    CG     sing N N 384 
TYR CB    HB2    sing N N 385 
TYR CB    HB3    sing N N 386 
TYR CG    CD1    doub Y N 387 
TYR CG    CD2    sing Y N 388 
TYR CD1   CE1    sing Y N 389 
TYR CD1   HD1    sing N N 390 
TYR CD2   CE2    doub Y N 391 
TYR CD2   HD2    sing N N 392 
TYR CE1   CZ     doub Y N 393 
TYR CE1   HE1    sing N N 394 
TYR CE2   CZ     sing Y N 395 
TYR CE2   HE2    sing N N 396 
TYR CZ    OH     sing N N 397 
TYR OH    HH     sing N N 398 
TYR OXT   HXT    sing N N 399 
VAL N     CA     sing N N 400 
VAL N     H      sing N N 401 
VAL N     H2     sing N N 402 
VAL CA    C      sing N N 403 
VAL CA    CB     sing N N 404 
VAL CA    HA     sing N N 405 
VAL C     O      doub N N 406 
VAL C     OXT    sing N N 407 
VAL CB    CG1    sing N N 408 
VAL CB    CG2    sing N N 409 
VAL CB    HB     sing N N 410 
VAL CG1   HG11   sing N N 411 
VAL CG1   HG12   sing N N 412 
VAL CG1   HG13   sing N N 413 
VAL CG2   HG21   sing N N 414 
VAL CG2   HG22   sing N N 415 
VAL CG2   HG23   sing N N 416 
VAL OXT   HXT    sing N N 417 
# 
_pdbx_coordinate_model.asym_id   A 
_pdbx_coordinate_model.type      'CA ATOMS ONLY' 
# 
_atom_sites.entry_id                    1REA 
_atom_sites.fract_transf_matrix[1][1]   0.00424744 
_atom_sites.fract_transf_matrix[1][2]   -0.00935103 
_atom_sites.fract_transf_matrix[1][3]   -0.00470903 
_atom_sites.fract_transf_matrix[2][1]   0.01116677 
_atom_sites.fract_transf_matrix[2][2]   -0.00108139 
_atom_sites.fract_transf_matrix[2][3]   -0.00133363 
_atom_sites.fract_transf_matrix[3][1]   0.00080318 
_atom_sites.fract_transf_matrix[3][2]   -0.00510749 
_atom_sites.fract_transf_matrix[3][3]   0.01086672 
_atom_sites.fract_transf_vector[1]      0.367600 
_atom_sites.fract_transf_vector[2]      0.317996 
_atom_sites.fract_transf_vector[3]      0.180789 
# 
loop_
_atom_type.symbol 
C 
N 
O 
P 
# 
loop_
_atom_site.group_PDB 
_atom_site.id 
_atom_site.type_symbol 
_atom_site.label_atom_id 
_atom_site.label_alt_id 
_atom_site.label_comp_id 
_atom_site.label_asym_id 
_atom_site.label_entity_id 
_atom_site.label_seq_id 
_atom_site.pdbx_PDB_ins_code 
_atom_site.Cartn_x 
_atom_site.Cartn_y 
_atom_site.Cartn_z 
_atom_site.occupancy 
_atom_site.B_iso_or_equiv 
_atom_site.pdbx_formal_charge 
_atom_site.auth_seq_id 
_atom_site.auth_comp_id 
_atom_site.auth_asym_id 
_atom_site.auth_atom_id 
_atom_site.pdbx_PDB_model_num 
ATOM   1   C CA    . ASP A 1 3   ? 29.635  7.170   25.838  1.00 56.84 ? 3   ASP A CA    1 
ATOM   2   C CA    . GLU A 1 4   ? 30.260  3.398   25.437  1.00 58.37 ? 4   GLU A CA    1 
ATOM   3   C CA    . ASN A 1 5   ? 28.641  2.761   28.814  1.00 54.10 ? 5   ASN A CA    1 
ATOM   4   C CA    . LYS A 1 6   ? 25.591  4.999   27.949  1.00 49.98 ? 6   LYS A CA    1 
ATOM   5   C CA    . GLN A 1 7   ? 25.502  3.144   24.527  1.00 49.68 ? 7   GLN A CA    1 
ATOM   6   C CA    . LYS A 1 8   ? 25.505  -0.200  26.423  1.00 45.31 ? 8   LYS A CA    1 
ATOM   7   C CA    . ALA A 1 9   ? 22.746  1.170   28.555  1.00 37.77 ? 9   ALA A CA    1 
ATOM   8   C CA    . LEU A 1 10  ? 20.641  2.342   25.654  1.00 28.03 ? 10  LEU A CA    1 
ATOM   9   C CA    . ALA A 1 11  ? 21.065  -0.886  23.626  1.00 26.10 ? 11  ALA A CA    1 
ATOM   10  C CA    . ALA A 1 12  ? 19.921  -3.066  26.557  1.00 27.24 ? 12  ALA A CA    1 
ATOM   11  C CA    . ALA A 1 13  ? 16.940  -0.891  27.534  1.00 26.05 ? 13  ALA A CA    1 
ATOM   12  C CA    . LEU A 1 14  ? 15.811  -0.763  23.926  1.00 23.28 ? 14  LEU A CA    1 
ATOM   13  C CA    . GLY A 1 15  ? 16.292  -4.557  23.842  1.00 25.83 ? 15  GLY A CA    1 
ATOM   14  C CA    . GLN A 1 16  ? 14.027  -4.875  26.893  1.00 30.99 ? 16  GLN A CA    1 
ATOM   15  C CA    . ILE A 1 17  ? 11.307  -2.609  25.388  1.00 27.06 ? 17  ILE A CA    1 
ATOM   16  C CA    . GLU A 1 18  ? 11.365  -4.639  22.179  1.00 24.68 ? 18  GLU A CA    1 
ATOM   17  C CA    . LYS A 1 19  ? 11.281  -7.928  24.156  1.00 28.28 ? 19  LYS A CA    1 
ATOM   18  C CA    . GLN A 1 20  ? 8.275   -6.710  26.115  1.00 33.56 ? 20  GLN A CA    1 
ATOM   19  C CA    . PHE A 1 21  ? 6.494   -5.029  23.186  1.00 25.97 ? 21  PHE A CA    1 
ATOM   20  C CA    . GLY A 1 22  ? 7.833   -6.407  19.796  1.00 22.72 ? 22  GLY A CA    1 
ATOM   21  C CA    . LYS A 1 23  ? 10.627  -5.174  17.489  1.00 23.83 ? 23  LYS A CA    1 
ATOM   22  C CA    . GLY A 1 24  ? 8.516   -2.450  16.024  1.00 20.78 ? 24  GLY A CA    1 
ATOM   23  C CA    . SER A 1 25  ? 7.689   -0.815  19.329  1.00 19.82 ? 25  SER A CA    1 
ATOM   24  C CA    . ILE A 1 26  ? 10.763  1.498   19.317  1.00 19.63 ? 26  ILE A CA    1 
ATOM   25  C CA    . MET A 1 27  ? 12.939  2.418   16.394  1.00 21.31 ? 27  MET A CA    1 
ATOM   26  C CA    . ARG A 1 28  ? 15.533  4.909   15.345  1.00 20.91 ? 28  ARG A CA    1 
ATOM   27  C CA    . LEU A 1 29  ? 13.937  6.863   12.492  1.00 24.32 ? 29  LEU A CA    1 
ATOM   28  C CA    . GLY A 1 30  ? 16.956  6.471   10.153  1.00 31.09 ? 30  GLY A CA    1 
ATOM   29  C CA    . GLU A 1 31  ? 17.132  2.819   10.928  1.00 40.69 ? 31  GLU A CA    1 
ATOM   30  C CA    . ASP A 1 32  ? 17.878  0.947   7.806   1.00 53.07 ? 32  ASP A CA    1 
ATOM   31  C CA    . ARG A 1 33  ? 16.586  -2.412  9.144   1.00 56.55 ? 33  ARG A CA    1 
ATOM   32  C CA    . SER A 1 34  ? 12.964  -3.555  8.681   1.00 51.76 ? 34  SER A CA    1 
ATOM   33  C CA    . MET A 1 35  ? 11.388  -6.614  10.297  1.00 45.86 ? 35  MET A CA    1 
ATOM   34  C CA    . ASP A 1 36  ? 11.152  -9.964  8.423   1.00 43.93 ? 36  ASP A CA    1 
ATOM   35  C CA    . VAL A 1 37  ? 7.613   -9.797  6.968   1.00 30.27 ? 37  VAL A CA    1 
ATOM   36  C CA    . GLU A 1 38  ? 6.036   -11.107 3.810   1.00 28.39 ? 38  GLU A CA    1 
ATOM   37  C CA    . THR A 1 39  ? 4.773   -8.310  1.751   1.00 22.93 ? 39  THR A CA    1 
ATOM   38  C CA    . ILE A 1 40  ? 2.545   -7.795  -1.273  1.00 22.77 ? 40  ILE A CA    1 
ATOM   39  C CA    . SER A 1 41  ? 3.606   -4.979  -3.592  1.00 20.12 ? 41  SER A CA    1 
ATOM   40  C CA    . THR A 1 42  ? 1.329   -1.925  -3.862  1.00 18.22 ? 42  THR A CA    1 
ATOM   41  C CA    . GLY A 1 43  ? 2.097   -1.495  -7.586  1.00 16.49 ? 43  GLY A CA    1 
ATOM   42  C CA    . SER A 1 44  ? 4.297   1.478   -6.601  1.00 17.85 ? 44  SER A CA    1 
ATOM   43  C CA    . LEU A 1 45  ? 8.103   1.134   -6.409  1.00 18.60 ? 45  LEU A CA    1 
ATOM   44  C CA    . SER A 1 46  ? 8.481   4.305   -4.266  1.00 20.96 ? 46  SER A CA    1 
ATOM   45  C CA    . LEU A 1 47  ? 5.688   3.329   -1.772  1.00 18.28 ? 47  LEU A CA    1 
ATOM   46  C CA    . ASP A 1 48  ? 7.258   -0.122  -1.542  1.00 18.25 ? 48  ASP A CA    1 
ATOM   47  C CA    . ILE A 1 49  ? 10.487  1.610   -0.577  1.00 19.63 ? 49  ILE A CA    1 
ATOM   48  C CA    . ALA A 1 50  ? 8.658   4.103   1.691   1.00 14.64 ? 50  ALA A CA    1 
ATOM   49  C CA    . LEU A 1 51  ? 7.075   1.239   3.568   1.00 13.87 ? 51  LEU A CA    1 
ATOM   50  C CA    . GLY A 1 52  ? 10.594  -0.121  4.151   1.00 18.77 ? 52  GLY A CA    1 
ATOM   51  C CA    . ALA A 1 53  ? 9.526   -3.800  3.925   1.00 17.27 ? 53  ALA A CA    1 
ATOM   52  C CA    . GLY A 1 54  ? 9.063   -3.738  0.139   1.00 16.83 ? 54  GLY A CA    1 
ATOM   53  C CA    . GLY A 1 55  ? 5.253   -3.803  0.466   1.00 16.41 ? 55  GLY A CA    1 
ATOM   54  C CA    . LEU A 1 56  ? 2.261   -4.134  2.723   1.00 17.98 ? 56  LEU A CA    1 
ATOM   55  C CA    . PRO A 1 57  ? 2.565   -6.563  5.660   1.00 20.09 ? 57  PRO A CA    1 
ATOM   56  C CA    . MET A 1 58  ? 0.689   -9.900  5.600   1.00 18.17 ? 58  MET A CA    1 
ATOM   57  C CA    . GLY A 1 59  ? -1.244  -10.700 8.758   1.00 16.19 ? 59  GLY A CA    1 
ATOM   58  C CA    . ARG A 1 60  ? -2.045  -7.125  9.677   1.00 19.80 ? 60  ARG A CA    1 
ATOM   59  C CA    . ILE A 1 61  ? -4.503  -4.282  9.210   1.00 16.71 ? 61  ILE A CA    1 
ATOM   60  C CA    . VAL A 1 62  ? -3.652  -1.398  6.933   1.00 13.84 ? 62  VAL A CA    1 
ATOM   61  C CA    . GLU A 1 63  ? -5.674  1.795   6.671   1.00 17.20 ? 63  GLU A CA    1 
ATOM   62  C CA    . ILE A 1 64  ? -5.488  3.901   3.504   1.00 18.69 ? 64  ILE A CA    1 
ATOM   63  C CA    . TYR A 1 65  ? -7.274  7.228   4.054   1.00 15.98 ? 65  TYR A CA    1 
ATOM   64  C CA    . GLY A 1 66  ? -7.547  10.172  1.801   1.00 18.78 ? 66  GLY A CA    1 
ATOM   65  C CA    . PRO A 1 67  ? -10.062 12.335  0.035   1.00 22.26 ? 67  PRO A CA    1 
ATOM   66  C CA    . GLU A 1 68  ? -12.305 11.130  -2.739  1.00 32.38 ? 68  GLU A CA    1 
ATOM   67  C CA    . SER A 1 69  ? -10.243 10.714  -5.893  1.00 31.57 ? 69  SER A CA    1 
ATOM   68  C CA    . SER A 1 70  ? -6.664  10.575  -4.484  1.00 25.91 ? 70  SER A CA    1 
ATOM   69  C CA    . GLY A 1 71  ? -5.895  7.045   -5.820  1.00 18.93 ? 71  GLY A CA    1 
ATOM   70  C CA    . LYS A 1 72  ? -6.719  4.847   -2.825  1.00 20.03 ? 72  LYS A CA    1 
ATOM   71  C CA    . THR A 1 73  ? -8.948  2.312   -4.644  1.00 26.38 ? 73  THR A CA    1 
ATOM   72  C CA    . THR A 1 74  ? -6.457  2.168   -7.490  1.00 23.20 ? 74  THR A CA    1 
ATOM   73  C CA    . LEU A 1 75  ? -3.785  1.281   -4.896  1.00 24.56 ? 75  LEU A CA    1 
ATOM   74  C CA    . THR A 1 76  ? -6.221  -1.306  -3.460  1.00 22.31 ? 76  THR A CA    1 
ATOM   75  C CA    . LEU A 1 77  ? -6.866  -2.941  -6.875  1.00 18.22 ? 77  LEU A CA    1 
ATOM   76  C CA    . GLN A 1 78  ? -3.107  -3.032  -7.620  1.00 19.39 ? 78  GLN A CA    1 
ATOM   77  C CA    . VAL A 1 79  ? -2.513  -4.831  -4.260  1.00 16.39 ? 79  VAL A CA    1 
ATOM   78  C CA    . ILE A 1 80  ? -5.277  -7.345  -5.314  1.00 17.63 ? 80  ILE A CA    1 
ATOM   79  C CA    . ALA A 1 81  ? -3.735  -7.733  -8.842  1.00 21.80 ? 81  ALA A CA    1 
ATOM   80  C CA    . ALA A 1 82  ? -0.292  -8.301  -7.221  1.00 25.69 ? 82  ALA A CA    1 
ATOM   81  C CA    . ALA A 1 83  ? -1.604  -10.926 -4.738  1.00 24.11 ? 83  ALA A CA    1 
ATOM   82  C CA    . GLN A 1 84  ? -3.663  -12.749 -7.414  1.00 27.85 ? 84  GLN A CA    1 
ATOM   83  C CA    . ARG A 1 85  ? -0.583  -12.599 -9.676  1.00 35.87 ? 85  ARG A CA    1 
ATOM   84  C CA    . GLU A 1 86  ? 1.182   -14.639 -6.977  1.00 33.73 ? 86  GLU A CA    1 
ATOM   85  C CA    . GLY A 1 87  ? -1.850  -17.023 -6.833  1.00 30.46 ? 87  GLY A CA    1 
ATOM   86  C CA    . LYS A 1 88  ? -3.371  -15.482 -3.650  1.00 29.83 ? 88  LYS A CA    1 
ATOM   87  C CA    . THR A 1 89  ? -7.156  -15.519 -2.873  1.00 26.72 ? 89  THR A CA    1 
ATOM   88  C CA    . CYS A 1 90  ? -8.672  -12.047 -2.546  1.00 20.10 ? 90  CYS A CA    1 
ATOM   89  C CA    . ALA A 1 91  ? -11.947 -10.724 -1.254  1.00 15.84 ? 91  ALA A CA    1 
ATOM   90  C CA    . PHE A 1 92  ? -13.588 -7.330  -1.685  1.00 17.22 ? 92  PHE A CA    1 
ATOM   91  C CA    . ILE A 1 93  ? -16.167 -6.197  0.909   1.00 15.80 ? 93  ILE A CA    1 
ATOM   92  C CA    . ASP A 1 94  ? -18.094 -3.276  -0.525  1.00 21.12 ? 94  ASP A CA    1 
ATOM   93  C CA    . ALA A 1 95  ? -20.187 -0.468  0.965   1.00 28.29 ? 95  ALA A CA    1 
ATOM   94  C CA    . GLU A 1 96  ? -19.464 2.158   -1.723  1.00 34.76 ? 96  GLU A CA    1 
ATOM   95  C CA    . HIS A 1 97  ? -21.235 0.254   -4.512  1.00 33.29 ? 97  HIS A CA    1 
ATOM   96  C CA    . ALA A 1 98  ? -18.835 1.267   -7.231  1.00 34.11 ? 98  ALA A CA    1 
ATOM   97  C CA    . LEU A 1 99  ? -16.288 -1.351  -8.477  1.00 30.39 ? 99  LEU A CA    1 
ATOM   98  C CA    . ASP A 1 100 ? -15.595 -0.706  -12.189 1.00 30.88 ? 100 ASP A CA    1 
ATOM   99  C CA    . PRO A 1 101 ? -14.580 -4.130  -13.611 1.00 27.27 ? 101 PRO A CA    1 
ATOM   100 C CA    . ILE A 1 102 ? -13.218 -2.519  -16.818 1.00 29.34 ? 102 ILE A CA    1 
ATOM   101 C CA    . TYR A 1 103 ? -10.790 -0.360  -14.823 1.00 25.14 ? 103 TYR A CA    1 
ATOM   102 C CA    . ALA A 1 104 ? -9.842  -3.185  -12.477 1.00 24.87 ? 104 ALA A CA    1 
ATOM   103 C CA    . ARG A 1 105 ? -9.378  -5.435  -15.567 1.00 29.51 ? 105 ARG A CA    1 
ATOM   104 C CA    . LYS A 1 106 ? -6.923  -2.859  -16.991 1.00 28.60 ? 106 LYS A CA    1 
ATOM   105 C CA    . LEU A 1 107 ? -5.074  -2.879  -13.670 1.00 23.18 ? 107 LEU A CA    1 
ATOM   106 C CA    . GLY A 1 108 ? -4.555  -6.671  -13.811 1.00 22.70 ? 108 GLY A CA    1 
ATOM   107 C CA    . VAL A 1 109 ? -7.330  -7.758  -11.418 1.00 23.70 ? 109 VAL A CA    1 
ATOM   108 C CA    . ASP A 1 110 ? -8.794  -11.141 -12.186 1.00 24.40 ? 110 ASP A CA    1 
ATOM   109 C CA    . ILE A 1 111 ? -12.419 -10.016 -11.684 1.00 21.89 ? 111 ILE A CA    1 
ATOM   110 C CA    . ASP A 1 112 ? -13.764 -13.564 -12.273 1.00 23.14 ? 112 ASP A CA    1 
ATOM   111 C CA    . ASN A 1 113 ? -12.151 -14.979 -9.193  1.00 21.92 ? 113 ASN A CA    1 
ATOM   112 C CA    . LEU A 1 114 ? -12.477 -11.982 -6.893  1.00 15.75 ? 114 LEU A CA    1 
ATOM   113 C CA    . LEU A 1 115 ? -14.767 -12.784 -3.968  1.00 16.01 ? 115 LEU A CA    1 
ATOM   114 C CA    . CYS A 1 116 ? -17.260 -9.896  -3.446  1.00 19.47 ? 116 CYS A CA    1 
ATOM   115 C CA    . SER A 1 117 ? -19.659 -9.052  -0.700  1.00 17.87 ? 117 SER A CA    1 
ATOM   116 C CA    . GLN A 1 118 ? -22.024 -6.072  -0.441  1.00 17.81 ? 118 GLN A CA    1 
ATOM   117 C CA    . PRO A 1 119 ? -23.055 -6.523  3.264   1.00 22.02 ? 119 PRO A CA    1 
ATOM   118 C CA    . ASP A 1 120 ? -26.253 -5.154  4.731   1.00 29.12 ? 120 ASP A CA    1 
ATOM   119 C CA    . THR A 1 121 ? -24.827 -3.735  7.947   1.00 26.57 ? 121 THR A CA    1 
ATOM   120 C CA    . GLY A 1 122 ? -21.500 -2.828  9.487   1.00 25.39 ? 122 GLY A CA    1 
ATOM   121 C CA    . GLU A 1 123 ? -21.866 -5.874  11.812  1.00 25.80 ? 123 GLU A CA    1 
ATOM   122 C CA    . GLN A 1 124 ? -22.340 -8.199  8.884   1.00 24.48 ? 124 GLN A CA    1 
ATOM   123 C CA    . ALA A 1 125 ? -19.288 -6.735  7.068   1.00 22.61 ? 125 ALA A CA    1 
ATOM   124 C CA    . LEU A 1 126 ? -17.099 -7.408  10.047  1.00 26.12 ? 126 LEU A CA    1 
ATOM   125 C CA    . GLU A 1 127 ? -18.645 -10.885 10.677  1.00 28.86 ? 127 GLU A CA    1 
ATOM   126 C CA    . ILE A 1 128 ? -17.912 -11.815 7.034   1.00 22.65 ? 128 ILE A CA    1 
ATOM   127 C CA    . CYS A 1 129 ? -14.376 -10.332 7.405   1.00 23.22 ? 129 CYS A CA    1 
ATOM   128 C CA    . ASP A 1 130 ? -13.686 -12.393 10.509  1.00 27.34 ? 130 ASP A CA    1 
ATOM   129 C CA    . ALA A 1 131 ? -15.091 -15.547 8.933   1.00 26.33 ? 131 ALA A CA    1 
ATOM   130 C CA    . LEU A 1 132 ? -12.948 -15.170 5.846   1.00 24.86 ? 132 LEU A CA    1 
ATOM   131 C CA    . ALA A 1 133 ? -9.953  -14.394 8.099   1.00 27.23 ? 133 ALA A CA    1 
ATOM   132 C CA    . ARG A 1 134 ? -10.536 -17.441 10.416  1.00 28.46 ? 134 ARG A CA    1 
ATOM   133 C CA    . SER A 1 135 ? -10.941 -19.666 7.350   1.00 27.71 ? 135 SER A CA    1 
ATOM   134 C CA    . GLY A 1 136 ? -7.259  -19.785 6.535   1.00 28.03 ? 136 GLY A CA    1 
ATOM   135 C CA    . ALA A 1 137 ? -7.993  -19.716 2.760   1.00 26.81 ? 137 ALA A CA    1 
ATOM   136 C CA    . VAL A 1 138 ? -8.219  -15.868 2.098   1.00 23.31 ? 138 VAL A CA    1 
ATOM   137 C CA    . ASP A 1 139 ? -5.105  -13.787 1.714   1.00 18.83 ? 139 ASP A CA    1 
ATOM   138 C CA    . VAL A 1 140 ? -6.135  -10.113 1.067   1.00 16.30 ? 140 VAL A CA    1 
ATOM   139 C CA    . ILE A 1 141 ? -9.503  -8.647  2.196   1.00 17.10 ? 141 ILE A CA    1 
ATOM   140 C CA    . VAL A 1 142 ? -10.239 -5.007  1.140   1.00 17.19 ? 142 VAL A CA    1 
ATOM   141 C CA    . VAL A 1 143 ? -13.191 -3.166  2.899   1.00 19.54 ? 143 VAL A CA    1 
ATOM   142 C CA    . ASP A 1 144 ? -14.243 0.004   0.931   1.00 30.59 ? 144 ASP A CA    1 
ATOM   143 C CA    . SER A 1 145 ? -15.380 1.559   3.026   1.00 32.64 ? 145 SER A CA    1 
ATOM   144 C CA    . VAL A 1 146 ? -14.780 2.239   6.748   1.00 40.05 ? 146 VAL A CA    1 
ATOM   145 C CA    . ALA A 1 147 ? -17.067 5.272   6.758   1.00 43.46 ? 147 ALA A CA    1 
ATOM   146 C CA    . ALA A 1 148 ? -19.822 3.496   4.716   1.00 41.86 ? 148 ALA A CA    1 
ATOM   147 C CA    . LEU A 1 149 ? -20.266 0.770   7.251   1.00 43.71 ? 149 LEU A CA    1 
ATOM   148 C CA    . THR A 1 150 ? -23.522 2.120   8.761   1.00 45.30 ? 150 THR A CA    1 
ATOM   149 C CA    . PRO A 1 151 ? -24.437 -0.014  11.977  1.00 45.25 ? 151 PRO A CA    1 
ATOM   150 C CA    . LYS A 1 152 ? -27.807 -1.953  12.085  1.00 45.89 ? 152 LYS A CA    1 
ATOM   151 C CA    . ALA A 1 153 ? -29.501 0.357   14.607  1.00 48.25 ? 153 ALA A CA    1 
ATOM   152 C CA    . GLU A 1 154 ? -28.646 3.440   12.601  1.00 51.69 ? 154 GLU A CA    1 
ATOM   153 C CA    . ILE A 1 155 ? -30.002 1.610   9.528   1.00 53.55 ? 155 ILE A CA    1 
ATOM   154 C CA    . GLU A 1 156 ? -33.513 1.328   11.154  1.00 56.36 ? 156 GLU A CA    1 
ATOM   155 C CA    . GLY A 1 165 ? -20.405 6.709   18.011  1.00 69.60 ? 165 GLY A CA    1 
ATOM   156 C CA    . LEU A 1 166 ? -22.705 3.828   17.076  1.00 70.57 ? 166 LEU A CA    1 
ATOM   157 C CA    . ALA A 1 167 ? -20.039 2.878   14.689  1.00 69.97 ? 167 ALA A CA    1 
ATOM   158 C CA    . ALA A 1 168 ? -16.879 3.500   16.854  1.00 68.72 ? 168 ALA A CA    1 
ATOM   159 C CA    . ARG A 1 169 ? -18.082 1.081   19.588  1.00 66.07 ? 169 ARG A CA    1 
ATOM   160 C CA    . MET A 1 170 ? -18.850 -1.465  16.804  1.00 60.66 ? 170 MET A CA    1 
ATOM   161 C CA    . MET A 1 171 ? -15.415 -0.931  15.309  1.00 54.97 ? 171 MET A CA    1 
ATOM   162 C CA    . SER A 1 172 ? -13.819 -1.459  18.801  1.00 52.58 ? 172 SER A CA    1 
ATOM   163 C CA    . GLN A 1 173 ? -15.935 -4.497  19.500  1.00 55.72 ? 173 GLN A CA    1 
ATOM   164 C CA    . ALA A 1 174 ? -14.993 -6.501  16.357  1.00 52.61 ? 174 ALA A CA    1 
ATOM   165 C CA    . MET A 1 175 ? -11.566 -5.019  15.757  1.00 45.30 ? 175 MET A CA    1 
ATOM   166 C CA    . ARG A 1 176 ? -9.746  -6.896  18.608  1.00 42.68 ? 176 ARG A CA    1 
ATOM   167 C CA    . LYS A 1 177 ? -11.199 -10.211 17.460  1.00 39.23 ? 177 LYS A CA    1 
ATOM   168 C CA    . LEU A 1 178 ? -10.627 -9.483  13.788  1.00 33.50 ? 178 LEU A CA    1 
ATOM   169 C CA    . ALA A 1 179 ? -6.947  -8.586  14.430  1.00 29.70 ? 179 ALA A CA    1 
ATOM   170 C CA    . GLY A 1 180 ? -6.235  -11.778 16.431  1.00 30.24 ? 180 GLY A CA    1 
ATOM   171 C CA    . ASN A 1 181 ? -7.551  -13.823 13.546  1.00 31.33 ? 181 ASN A CA    1 
ATOM   172 C CA    . LEU A 1 182 ? -5.790  -12.053 10.673  1.00 28.21 ? 182 LEU A CA    1 
ATOM   173 C CA    . LYS A 1 183 ? -2.413  -12.550 12.376  1.00 32.68 ? 183 LYS A CA    1 
ATOM   174 C CA    . GLN A 1 184 ? -3.141  -16.219 13.012  1.00 35.39 ? 184 GLN A CA    1 
ATOM   175 C CA    . SER A 1 185 ? -4.299  -16.771 9.345   1.00 28.71 ? 185 SER A CA    1 
ATOM   176 C CA    . ASN A 1 186 ? -1.677  -14.364 7.888   1.00 24.59 ? 186 ASN A CA    1 
ATOM   177 C CA    . THR A 1 187 ? -4.440  -12.423 6.013   1.00 19.92 ? 187 THR A CA    1 
ATOM   178 C CA    . LEU A 1 188 ? -3.831  -8.796  4.932   1.00 15.76 ? 188 LEU A CA    1 
ATOM   179 C CA    . LEU A 1 189 ? -7.002  -6.637  5.540   1.00 17.64 ? 189 LEU A CA    1 
ATOM   180 C CA    . ILE A 1 190 ? -6.999  -3.108  3.962   1.00 15.66 ? 190 ILE A CA    1 
ATOM   181 C CA    . PHE A 1 191 ? -9.677  -0.621  5.113   1.00 16.51 ? 191 PHE A CA    1 
ATOM   182 C CA    . ILE A 1 192 ? -10.314 2.324   2.769   1.00 16.74 ? 192 ILE A CA    1 
ATOM   183 C CA    . ASN A 1 193 ? -11.325 5.527   4.553   1.00 21.53 ? 193 ASN A CA    1 
ATOM   184 C CA    . GLN A 1 194 ? -12.758 8.512   2.772   1.00 34.17 ? 194 GLN A CA    1 
ATOM   185 C CA    . ILE A 1 195 ? -11.982 11.726  4.661   1.00 38.94 ? 195 ILE A CA    1 
ATOM   186 C CA    . THR A 1 210 ? -13.999 7.239   10.592  1.00 75.69 ? 210 THR A CA    1 
ATOM   187 C CA    . GLY A 1 211 ? -14.361 3.904   12.499  1.00 74.76 ? 211 GLY A CA    1 
ATOM   188 C CA    . GLY A 1 212 ? -12.440 5.627   15.322  1.00 67.92 ? 212 GLY A CA    1 
ATOM   189 C CA    . ASN A 1 213 ? -9.418  5.113   17.646  1.00 59.22 ? 213 ASN A CA    1 
ATOM   190 C CA    . ALA A 1 214 ? -10.120 1.458   17.131  1.00 48.49 ? 214 ALA A CA    1 
ATOM   191 C CA    . LEU A 1 215 ? -8.775  1.550   13.521  1.00 39.39 ? 215 LEU A CA    1 
ATOM   192 C CA    . LYS A 1 216 ? -6.134  4.136   14.387  1.00 37.05 ? 216 LYS A CA    1 
ATOM   193 C CA    . PHE A 1 217 ? -4.722  1.951   17.124  1.00 36.49 ? 217 PHE A CA    1 
ATOM   194 C CA    . TYR A 1 218 ? -5.091  -1.425  15.366  1.00 28.26 ? 218 TYR A CA    1 
ATOM   195 C CA    . ALA A 1 219 ? -3.707  -0.659  11.900  1.00 20.28 ? 219 ALA A CA    1 
ATOM   196 C CA    . SER A 1 220 ? 0.005   -1.503  11.553  1.00 16.87 ? 220 SER A CA    1 
ATOM   197 C CA    . VAL A 1 221 ? 0.559   0.932   8.670   1.00 11.13 ? 221 VAL A CA    1 
ATOM   198 C CA    . ARG A 1 222 ? -1.619  4.004   8.032   1.00 10.79 ? 222 ARG A CA    1 
ATOM   199 C CA    . LEU A 1 223 ? -1.181  5.665   4.689   1.00 15.27 ? 223 LEU A CA    1 
ATOM   200 C CA    . ASP A 1 224 ? -2.241  9.267   4.001   1.00 21.74 ? 224 ASP A CA    1 
ATOM   201 C CA    . ILE A 1 225 ? -2.812  9.757   0.223   1.00 22.55 ? 225 ILE A CA    1 
ATOM   202 C CA    . ARG A 1 226 ? -3.640  13.006  -1.451  1.00 26.64 ? 226 ARG A CA    1 
ATOM   203 C CA    . ARG A 1 227 ? -3.722  14.226  -5.061  1.00 26.88 ? 227 ARG A CA    1 
ATOM   204 C CA    . ILE A 1 228 ? -1.208  17.051  -5.372  1.00 25.39 ? 228 ILE A CA    1 
ATOM   205 C CA    . GLY A 1 229 ? -1.661  18.087  -9.033  1.00 31.36 ? 229 GLY A CA    1 
ATOM   206 C CA    . ALA A 1 230 ? -2.800  17.118  -12.527 1.00 36.72 ? 230 ALA A CA    1 
ATOM   207 C CA    . VAL A 1 231 ? -0.717  15.471  -15.162 1.00 43.09 ? 231 VAL A CA    1 
ATOM   208 C CA    . LYS A 1 232 ? -1.359  16.643  -18.688 1.00 55.57 ? 232 LYS A CA    1 
ATOM   209 C CA    . GLU A 1 233 ? -0.180  16.356  -22.342 1.00 64.17 ? 233 GLU A CA    1 
ATOM   210 C CA    . GLY A 1 234 ? -0.496  19.908  -23.562 1.00 65.19 ? 234 GLY A CA    1 
ATOM   211 C CA    . GLU A 1 235 ? -4.175  20.621  -22.854 1.00 70.49 ? 235 GLU A CA    1 
ATOM   212 C CA    . ASN A 1 236 ? -4.938  16.901  -22.252 1.00 65.15 ? 236 ASN A CA    1 
ATOM   213 C CA    . VAL A 1 237 ? -5.155  16.291  -18.421 1.00 54.20 ? 237 VAL A CA    1 
ATOM   214 C CA    . VAL A 1 238 ? -3.968  12.687  -18.504 1.00 45.95 ? 238 VAL A CA    1 
ATOM   215 C CA    . GLY A 1 239 ? -3.880  11.827  -14.745 1.00 38.79 ? 239 GLY A CA    1 
ATOM   216 C CA    . SER A 1 240 ? -2.868  13.064  -11.272 1.00 30.97 ? 240 SER A CA    1 
ATOM   217 C CA    . GLU A 1 241 ? 0.269   13.637  -9.263  1.00 28.94 ? 241 GLU A CA    1 
ATOM   218 C CA    . THR A 1 242 ? -0.237  11.662  -5.988  1.00 23.98 ? 242 THR A CA    1 
ATOM   219 C CA    . ARG A 1 243 ? 1.669   11.739  -2.663  1.00 21.84 ? 243 ARG A CA    1 
ATOM   220 C CA    . VAL A 1 244 ? 1.421   9.135   0.094   1.00 16.90 ? 244 VAL A CA    1 
ATOM   221 C CA    . LYS A 1 245 ? 2.850   9.708   3.611   1.00 18.86 ? 245 LYS A CA    1 
ATOM   222 C CA    . VAL A 1 246 ? 3.266   6.639   5.748   1.00 15.60 ? 246 VAL A CA    1 
ATOM   223 C CA    . VAL A 1 247 ? 2.124   8.195   9.069   1.00 14.13 ? 247 VAL A CA    1 
ATOM   224 C CA    . LYS A 1 248 ? 2.176   4.985   11.080  1.00 14.68 ? 248 LYS A CA    1 
ATOM   225 C CA    . ASN A 1 249 ? 4.464   2.022   10.325  1.00 14.35 ? 249 ASN A CA    1 
ATOM   226 C CA    . LYS A 1 250 ? 5.010   -0.612  12.918  1.00 16.42 ? 250 LYS A CA    1 
ATOM   227 C CA    . ILE A 1 251 ? 7.030   -2.764  10.400  1.00 20.43 ? 251 ILE A CA    1 
ATOM   228 C CA    . ALA A 1 252 ? 9.890   -0.402  9.503   1.00 18.01 ? 252 ALA A CA    1 
ATOM   229 C CA    . ALA A 1 253 ? 10.581  3.288   10.362  1.00 19.58 ? 253 ALA A CA    1 
ATOM   230 C CA    . PRO A 1 254 ? 7.627   5.678   9.911   1.00 17.14 ? 254 PRO A CA    1 
ATOM   231 C CA    . PHE A 1 255 ? 7.081   9.062   8.188   1.00 17.23 ? 255 PHE A CA    1 
ATOM   232 C CA    . LYS A 1 256 ? 8.417   8.404   4.750   1.00 19.90 ? 256 LYS A CA    1 
ATOM   233 C CA    . GLN A 1 257 ? 6.665   9.606   1.635   1.00 25.33 ? 257 GLN A CA    1 
ATOM   234 C CA    . ALA A 1 258 ? 6.207   8.643   -1.953  1.00 25.78 ? 258 ALA A CA    1 
ATOM   235 C CA    . GLU A 1 259 ? 5.322   10.542  -5.082  1.00 30.64 ? 259 GLU A CA    1 
ATOM   236 C CA    . PHE A 1 260 ? 4.073   8.754   -8.220  1.00 25.36 ? 260 PHE A CA    1 
ATOM   237 C CA    . GLN A 1 261 ? 1.593   9.490   -10.968 1.00 24.93 ? 261 GLN A CA    1 
ATOM   238 C CA    . ILE A 1 262 ? -1.731  7.785   -11.464 1.00 24.84 ? 262 ILE A CA    1 
ATOM   239 C CA    . LEU A 1 263 ? -2.717  7.972   -15.199 1.00 32.05 ? 263 LEU A CA    1 
ATOM   240 C CA    . TYR A 1 264 ? -6.454  7.862   -16.050 1.00 41.04 ? 264 TYR A CA    1 
ATOM   241 C CA    . GLY A 1 265 ? -7.456  4.314   -16.858 1.00 37.62 ? 265 GLY A CA    1 
ATOM   242 C CA    . GLU A 1 266 ? -3.756  3.175   -16.927 1.00 39.51 ? 266 GLU A CA    1 
ATOM   243 C CA    . GLY A 1 267 ? -2.889  3.028   -13.135 1.00 28.58 ? 267 GLY A CA    1 
ATOM   244 C CA    . ILE A 1 268 ? 0.224   3.898   -11.130 1.00 22.11 ? 268 ILE A CA    1 
ATOM   245 C CA    . ASN A 1 269 ? 2.956   5.040   -13.532 1.00 20.52 ? 269 ASN A CA    1 
ATOM   246 C CA    . PHE A 1 270 ? 5.614   2.591   -12.440 1.00 21.43 ? 270 PHE A CA    1 
ATOM   247 C CA    . TYR A 1 271 ? 8.124   3.080   -15.272 1.00 20.72 ? 271 TYR A CA    1 
ATOM   248 C CA    . GLY A 1 272 ? 8.195   6.806   -14.447 1.00 19.48 ? 272 GLY A CA    1 
ATOM   249 C CA    . GLU A 1 273 ? 9.117   6.043   -10.782 1.00 18.64 ? 273 GLU A CA    1 
ATOM   250 C CA    . LEU A 1 274 ? 11.767  3.671   -12.136 1.00 19.80 ? 274 LEU A CA    1 
ATOM   251 C CA    . VAL A 1 275 ? 13.176  6.407   -14.409 1.00 21.35 ? 275 VAL A CA    1 
ATOM   252 C CA    . ASP A 1 276 ? 13.525  8.623   -11.337 1.00 24.05 ? 276 ASP A CA    1 
ATOM   253 C CA    . LEU A 1 277 ? 14.858  6.090   -8.855  1.00 23.24 ? 277 LEU A CA    1 
ATOM   254 C CA    . GLY A 1 278 ? 17.077  4.771   -11.629 1.00 22.82 ? 278 GLY A CA    1 
ATOM   255 C CA    . VAL A 1 279 ? 18.607  8.173   -12.248 1.00 29.73 ? 279 VAL A CA    1 
ATOM   256 C CA    . LYS A 1 280 ? 18.879  8.967   -8.490  1.00 36.02 ? 280 LYS A CA    1 
ATOM   257 C CA    . GLU A 1 281 ? 20.665  5.672   -7.891  1.00 34.70 ? 281 GLU A CA    1 
ATOM   258 C CA    . LYS A 1 282 ? 23.080  6.525   -10.728 1.00 40.75 ? 282 LYS A CA    1 
ATOM   259 C CA    . LEU A 1 283 ? 21.944  3.444   -12.691 1.00 36.19 ? 283 LEU A CA    1 
ATOM   260 C CA    . ILE A 1 284 ? 20.510  5.680   -15.441 1.00 36.04 ? 284 ILE A CA    1 
ATOM   261 C CA    . GLU A 1 285 ? 22.455  8.843   -16.408 1.00 45.92 ? 285 GLU A CA    1 
ATOM   262 C CA    . LYS A 1 286 ? 20.646  11.972  -17.568 1.00 49.86 ? 286 LYS A CA    1 
ATOM   263 C CA    . ALA A 1 287 ? 22.764  14.460  -19.541 1.00 53.25 ? 287 ALA A CA    1 
ATOM   264 C CA    . GLY A 1 288 ? 20.461  17.375  -19.189 1.00 54.99 ? 288 GLY A CA    1 
ATOM   265 C CA    . ALA A 1 289 ? 17.343  16.143  -21.037 1.00 53.78 ? 289 ALA A CA    1 
ATOM   266 C CA    . TRP A 1 290 ? 18.753  12.843  -22.448 1.00 48.18 ? 290 TRP A CA    1 
ATOM   267 C CA    . TYR A 1 291 ? 18.730  9.536   -20.597 1.00 40.69 ? 291 TYR A CA    1 
ATOM   268 C CA    . SER A 1 292 ? 21.130  6.619   -20.883 1.00 39.34 ? 292 SER A CA    1 
ATOM   269 C CA    . TYR A 1 293 ? 21.489  3.161   -19.609 1.00 37.01 ? 293 TYR A CA    1 
ATOM   270 C CA    . LYS A 1 294 ? 24.817  1.369   -19.996 1.00 42.39 ? 294 LYS A CA    1 
ATOM   271 C CA    . GLY A 1 295 ? 26.231  3.724   -22.579 1.00 44.00 ? 295 GLY A CA    1 
ATOM   272 C CA    . GLU A 1 296 ? 23.263  4.045   -24.960 1.00 46.64 ? 296 GLU A CA    1 
ATOM   273 C CA    . LYS A 1 297 ? 20.455  6.626   -25.337 1.00 46.61 ? 297 LYS A CA    1 
ATOM   274 C CA    . ILE A 1 298 ? 17.132  5.315   -24.126 1.00 41.69 ? 298 ILE A CA    1 
ATOM   275 C CA    . GLY A 1 299 ? 15.413  8.650   -24.788 1.00 42.75 ? 299 GLY A CA    1 
ATOM   276 C CA    . GLN A 1 300 ? 14.865  12.301  -24.378 1.00 45.41 ? 300 GLN A CA    1 
ATOM   277 C CA    . GLY A 1 301 ? 12.855  13.533  -21.430 1.00 44.75 ? 301 GLY A CA    1 
ATOM   278 C CA    . LYS A 1 302 ? 11.249  11.433  -18.698 1.00 42.31 ? 302 LYS A CA    1 
ATOM   279 C CA    . ALA A 1 303 ? 8.393   10.251  -21.010 1.00 41.16 ? 303 ALA A CA    1 
ATOM   280 C CA    . ASN A 1 304 ? 10.534  8.757   -23.750 1.00 39.83 ? 304 ASN A CA    1 
ATOM   281 C CA    . ALA A 1 305 ? 12.888  7.130   -21.213 1.00 33.37 ? 305 ALA A CA    1 
ATOM   282 C CA    . THR A 1 306 ? 9.633   5.697   -19.591 1.00 29.71 ? 306 THR A CA    1 
ATOM   283 C CA    . ALA A 1 307 ? 8.305   4.458   -22.943 1.00 27.60 ? 307 ALA A CA    1 
ATOM   284 C CA    . TRP A 1 308 ? 11.710  2.765   -23.636 1.00 24.87 ? 308 TRP A CA    1 
ATOM   285 C CA    . LEU A 1 309 ? 11.727  0.834   -20.313 1.00 24.98 ? 309 LEU A CA    1 
ATOM   286 C CA    . LYS A 1 310 ? 8.116   -0.180  -20.931 1.00 28.61 ? 310 LYS A CA    1 
ATOM   287 C CA    . ASP A 1 311 ? 9.108   -1.560  -24.347 1.00 32.51 ? 311 ASP A CA    1 
ATOM   288 C CA    . ASN A 1 312 ? 12.232  -3.216  -22.919 1.00 24.66 ? 312 ASN A CA    1 
ATOM   289 C CA    . PRO A 1 313 ? 10.907  -5.116  -19.857 1.00 20.91 ? 313 PRO A CA    1 
ATOM   290 C CA    . GLU A 1 314 ? 13.888  -7.488  -19.304 1.00 24.05 ? 314 GLU A CA    1 
ATOM   291 C CA    . THR A 1 315 ? 16.194  -4.492  -18.830 1.00 26.36 ? 315 THR A CA    1 
ATOM   292 C CA    . ALA A 1 316 ? 13.532  -2.672  -16.752 1.00 24.28 ? 316 ALA A CA    1 
ATOM   293 C CA    . LYS A 1 317 ? 13.410  -5.766  -14.440 1.00 29.40 ? 317 LYS A CA    1 
ATOM   294 C CA    . GLU A 1 318 ? 17.219  -5.653  -14.076 1.00 30.89 ? 318 GLU A CA    1 
ATOM   295 C CA    . ILE A 1 319 ? 17.065  -1.982  -13.046 1.00 24.64 ? 319 ILE A CA    1 
ATOM   296 C CA    . GLU A 1 320 ? 14.076  -2.499  -10.683 1.00 28.15 ? 320 GLU A CA    1 
ATOM   297 C CA    . LYS A 1 321 ? 15.832  -5.396  -8.938  1.00 33.26 ? 321 LYS A CA    1 
ATOM   298 C CA    . LYS A 1 322 ? 18.924  -3.287  -8.514  1.00 31.82 ? 322 LYS A CA    1 
ATOM   299 C CA    . VAL A 1 323 ? 16.893  -0.316  -7.146  1.00 25.40 ? 323 VAL A CA    1 
ATOM   300 C CA    . ARG A 1 324 ? 15.287  -2.638  -4.666  1.00 26.71 ? 324 ARG A CA    1 
ATOM   301 C CA    . GLU A 1 325 ? 18.569  -4.178  -3.498  1.00 32.04 ? 325 GLU A CA    1 
ATOM   302 C CA    . LEU A 1 326 ? 20.066  -0.733  -3.026  1.00 30.30 ? 326 LEU A CA    1 
ATOM   303 C CA    . LEU A 1 327 ? 17.177  0.909   -1.325  1.00 28.94 ? 327 LEU A CA    1 
ATOM   304 C CA    . LEU A 1 328 ? 15.312  -1.656  0.822   1.00 28.91 ? 328 LEU A CA    1 
HETATM 305 P PB    . ADP B 2 .   ? -10.285 7.114   -4.522  1.00 33.38 ? 500 ADP A PB    1 
HETATM 306 O O1B   . ADP B 2 .   ? -11.599 7.770   -4.263  1.00 34.01 ? 500 ADP A O1B   1 
HETATM 307 O O2B   . ADP B 2 .   ? -9.122  7.588   -3.765  1.00 33.99 ? 500 ADP A O2B   1 
HETATM 308 O O3B   . ADP B 2 .   ? -10.403 5.629   -4.150  1.00 32.21 ? 500 ADP A O3B   1 
HETATM 309 P PA    . ADP B 2 .   ? -9.752  6.154   -7.193  1.00 33.99 ? 500 ADP A PA    1 
HETATM 310 O O1A   . ADP B 2 .   ? -8.736  5.150   -6.848  1.00 34.04 ? 500 ADP A O1A   1 
HETATM 311 O O2A   . ADP B 2 .   ? -11.105 5.708   -7.602  1.00 37.27 ? 500 ADP A O2A   1 
HETATM 312 O O3A   . ADP B 2 .   ? -9.833  7.232   -6.039  1.00 33.20 ? 500 ADP A O3A   1 
HETATM 313 O "O5'" . ADP B 2 .   ? -9.259  7.106   -8.358  1.00 34.60 ? 500 ADP A "O5'" 1 
HETATM 314 C "C5'" . ADP B 2 .   ? -7.983  7.686   -8.509  1.00 36.94 ? 500 ADP A "C5'" 1 
HETATM 315 C "C4'" . ADP B 2 .   ? -7.649  7.821   -9.993  1.00 39.28 ? 500 ADP A "C4'" 1 
HETATM 316 O "O4'" . ADP B 2 .   ? -7.615  6.527   -10.646 1.00 40.37 ? 500 ADP A "O4'" 1 
HETATM 317 C "C3'" . ADP B 2 .   ? -8.663  8.629   -10.801 1.00 40.28 ? 500 ADP A "C3'" 1 
HETATM 318 O "O3'" . ADP B 2 .   ? -8.593  10.062  -10.676 1.00 40.47 ? 500 ADP A "O3'" 1 
HETATM 319 C "C2'" . ADP B 2 .   ? -8.391  8.073   -12.187 1.00 41.28 ? 500 ADP A "C2'" 1 
HETATM 320 O "O2'" . ADP B 2 .   ? -7.081  8.374   -12.728 1.00 44.13 ? 500 ADP A "O2'" 1 
HETATM 321 C "C1'" . ADP B 2 .   ? -8.348  6.603   -11.886 1.00 41.84 ? 500 ADP A "C1'" 1 
HETATM 322 N N9    . ADP B 2 .   ? -9.717  6.010   -11.874 1.00 41.99 ? 500 ADP A N9    1 
HETATM 323 C C8    . ADP B 2 .   ? -10.526 5.697   -10.785 1.00 42.55 ? 500 ADP A C8    1 
HETATM 324 N N7    . ADP B 2 .   ? -11.621 5.053   -11.096 1.00 42.40 ? 500 ADP A N7    1 
HETATM 325 C C5    . ADP B 2 .   ? -11.563 4.973   -12.485 1.00 42.11 ? 500 ADP A C5    1 
HETATM 326 C C6    . ADP B 2 .   ? -12.427 4.366   -13.395 1.00 41.61 ? 500 ADP A C6    1 
HETATM 327 N N6    . ADP B 2 .   ? -13.574 3.808   -12.990 1.00 42.02 ? 500 ADP A N6    1 
HETATM 328 N N1    . ADP B 2 .   ? -12.026 4.337   -14.680 1.00 41.06 ? 500 ADP A N1    1 
HETATM 329 C C2    . ADP B 2 .   ? -10.872 4.925   -15.025 1.00 40.61 ? 500 ADP A C2    1 
HETATM 330 N N3    . ADP B 2 .   ? -9.949  5.506   -14.268 1.00 40.80 ? 500 ADP A N3    1 
HETATM 331 C C4    . ADP B 2 .   ? -10.391 5.509   -12.977 1.00 41.81 ? 500 ADP A C4    1 
# 
